data_6LRL
#
_entry.id   6LRL
#
_cell.length_a   215.412
_cell.length_b   47.985
_cell.length_c   87.926
_cell.angle_alpha   90.000
_cell.angle_beta   112.090
_cell.angle_gamma   90.000
#
_symmetry.space_group_name_H-M   'C 1 2 1'
#
loop_
_entity.id
_entity.type
_entity.pdbx_description
1 polymer 'Cyclic GMP-AMP synthase'
2 non-polymer 'ZINC ION'
3 non-polymer '3-[[5-(1,2,4-triazol-4-yl)-4H-1,2,4-triazol-3-yl]carbonylamino]benzoic acid'
#
_entity_poly.entity_id   1
_entity_poly.type   'polypeptide(L)'
_entity_poly.pdbx_seq_one_letter_code
;DAAPGASKLRAVLEKLKLSRDDISTAAGMVKGVVDHLLLRLKCDSAFRGVGLLNTGSYYEHVKISAPNEFDVMFKLEVPR
IQLEEYSNTRAYYFVKFKRNPKENPLSQFLEGEILSASKMLSKFRKIIKEEINDIKDTDVIMKRKRGGSPAVTLLISEKI
SVDITLALESKSSWPASTQEGLRIQNWLSAKVRKQLRLKPFYLVPKHAKEGNGFQEETWRLSFSHIEKEILNNHGKSKTC
CENKEEKCCRKDCLKLMKYLLEQLKERFKDKKHLDKFSSYHVKTAFFHVCTQNPQDSQWDRKDLGLCFDNCVTYFLQCLR
TEKLENYFIPEFNLFSSNLIDKRSKEFLTKQIEYERNNEFPVFDEF
;
_entity_poly.pdbx_strand_id   B,A
#
loop_
_chem_comp.id
_chem_comp.type
_chem_comp.name
_chem_comp.formula
ER9 non-polymer '3-[[5-(1,2,4-triazol-4-yl)-4H-1,2,4-triazol-3-yl]carbonylamino]benzoic acid' 'C12 H9 N7 O3'
ZN non-polymer 'ZINC ION' 'Zn 2'
#
# COMPACT_ATOMS: atom_id res chain seq x y z
N GLY A 5 -30.71 -7.07 23.57
CA GLY A 5 -29.84 -6.07 24.16
C GLY A 5 -29.06 -5.29 23.12
N ALA A 6 -28.71 -5.95 22.01
CA ALA A 6 -27.98 -5.28 20.94
C ALA A 6 -28.80 -4.20 20.26
N SER A 7 -30.13 -4.21 20.43
CA SER A 7 -30.96 -3.17 19.86
C SER A 7 -30.61 -1.81 20.43
N LYS A 8 -30.30 -1.74 21.73
CA LYS A 8 -29.89 -0.48 22.33
C LYS A 8 -28.55 -0.02 21.80
N LEU A 9 -27.65 -0.96 21.50
CA LEU A 9 -26.34 -0.61 20.96
C LEU A 9 -26.48 0.00 19.56
N ARG A 10 -27.34 -0.58 18.73
CA ARG A 10 -27.60 -0.01 17.41
C ARG A 10 -28.39 1.29 17.49
N ALA A 11 -29.13 1.51 18.59
CA ALA A 11 -29.85 2.76 18.75
C ALA A 11 -28.88 3.93 18.96
N VAL A 12 -27.92 3.76 19.87
CA VAL A 12 -26.93 4.82 20.07
C VAL A 12 -26.01 4.93 18.87
N LEU A 13 -25.78 3.81 18.17
CA LEU A 13 -25.00 3.88 16.93
C LEU A 13 -25.71 4.71 15.87
N GLU A 14 -27.05 4.70 15.89
CA GLU A 14 -27.82 5.51 14.97
C GLU A 14 -27.81 6.98 15.38
N LYS A 15 -28.03 7.26 16.67
CA LYS A 15 -27.99 8.63 17.16
C LYS A 15 -26.59 9.22 17.05
N LEU A 16 -25.54 8.38 17.03
CA LEU A 16 -24.18 8.86 16.87
C LEU A 16 -23.81 9.13 15.42
N LYS A 17 -24.65 8.72 14.47
CA LYS A 17 -24.41 8.98 13.05
C LYS A 17 -25.16 10.20 12.55
N LEU A 18 -26.16 10.68 13.29
CA LEU A 18 -26.87 11.89 12.89
C LEU A 18 -26.16 13.15 13.37
N SER A 19 -25.30 13.04 14.38
CA SER A 19 -24.50 14.15 14.88
C SER A 19 -23.18 14.31 14.12
N ARG A 20 -23.12 13.85 12.88
CA ARG A 20 -21.91 13.92 12.07
C ARG A 20 -21.98 14.91 10.93
N ASP A 21 -23.18 15.24 10.45
CA ASP A 21 -23.31 16.22 9.37
C ASP A 21 -22.76 17.57 9.79
N ASP A 22 -23.15 18.05 10.95
CA ASP A 22 -22.62 19.28 11.50
C ASP A 22 -21.39 19.01 12.36
N ALA A 26 -19.24 21.98 7.98
CA ALA A 26 -18.88 21.90 9.40
C ALA A 26 -17.37 21.84 9.57
N ALA A 27 -16.73 20.99 8.77
CA ALA A 27 -15.27 20.81 8.79
C ALA A 27 -14.56 21.63 7.73
N GLY A 28 -15.23 22.64 7.18
CA GLY A 28 -14.60 23.52 6.21
C GLY A 28 -13.83 24.63 6.87
N MET A 29 -14.37 25.17 7.96
CA MET A 29 -13.68 26.23 8.69
C MET A 29 -12.39 25.73 9.31
N VAL A 30 -12.40 24.51 9.85
CA VAL A 30 -11.18 23.94 10.41
C VAL A 30 -10.17 23.68 9.30
N LYS A 31 -10.65 23.32 8.11
CA LYS A 31 -9.73 22.95 7.02
C LYS A 31 -9.06 24.19 6.44
N GLY A 32 -9.77 25.31 6.38
CA GLY A 32 -9.18 26.52 5.82
C GLY A 32 -8.15 27.14 6.75
N VAL A 33 -8.40 27.10 8.06
CA VAL A 33 -7.49 27.71 9.01
C VAL A 33 -6.22 26.90 9.16
N VAL A 34 -6.34 25.56 9.14
CA VAL A 34 -5.14 24.72 9.18
C VAL A 34 -4.37 24.85 7.87
N ASP A 35 -5.08 24.93 6.74
CA ASP A 35 -4.41 25.12 5.47
C ASP A 35 -3.63 26.43 5.47
N HIS A 36 -4.31 27.53 5.82
CA HIS A 36 -3.70 28.86 5.75
C HIS A 36 -2.48 28.98 6.65
N LEU A 37 -2.56 28.48 7.88
CA LEU A 37 -1.46 28.64 8.82
C LEU A 37 -0.26 27.79 8.43
N LEU A 38 -0.44 26.79 7.57
CA LEU A 38 0.69 26.02 7.08
C LEU A 38 1.55 26.82 6.11
N LEU A 39 0.98 27.83 5.45
CA LEU A 39 1.79 28.69 4.58
C LEU A 39 2.75 29.53 5.41
N ARG A 40 2.26 30.15 6.48
CA ARG A 40 3.13 30.97 7.33
C ARG A 40 4.16 30.13 8.09
N LEU A 41 3.95 28.81 8.17
CA LEU A 41 4.95 27.95 8.80
C LEU A 41 6.16 27.75 7.89
N LYS A 42 5.92 27.58 6.59
CA LYS A 42 7.03 27.47 5.65
C LYS A 42 7.80 28.78 5.53
N CYS A 43 7.25 29.90 6.00
CA CYS A 43 8.01 31.14 6.04
C CYS A 43 9.29 30.96 6.84
N ASP A 44 9.19 30.37 8.03
CA ASP A 44 10.35 30.12 8.88
C ASP A 44 11.10 28.88 8.39
N SER A 45 12.43 28.92 8.51
CA SER A 45 13.24 27.80 8.03
C SER A 45 13.02 26.56 8.88
N ALA A 46 12.87 26.72 10.20
CA ALA A 46 12.73 25.57 11.08
C ALA A 46 11.50 24.74 10.74
N PHE A 47 10.46 25.37 10.18
CA PHE A 47 9.24 24.67 9.80
C PHE A 47 9.09 24.53 8.29
N ARG A 48 10.21 24.51 7.55
CA ARG A 48 10.14 24.60 6.09
C ARG A 48 9.46 23.39 5.47
N GLY A 49 9.78 22.19 5.96
CA GLY A 49 9.21 20.98 5.40
C GLY A 49 7.97 20.52 6.15
N VAL A 50 7.29 21.44 6.82
CA VAL A 50 6.18 21.04 7.69
C VAL A 50 4.95 20.74 6.85
N GLY A 51 4.11 19.86 7.37
CA GLY A 51 2.93 19.43 6.66
C GLY A 51 1.97 18.66 7.54
N LEU A 52 0.70 19.07 7.52
CA LEU A 52 -0.32 18.34 8.23
C LEU A 52 -0.45 16.94 7.67
N LEU A 53 -0.61 15.96 8.55
CA LEU A 53 -0.79 14.57 8.16
C LEU A 53 -2.22 14.14 8.46
N ASN A 54 -2.80 13.38 7.55
CA ASN A 54 -4.16 12.89 7.71
C ASN A 54 -4.26 11.88 8.85
N GLY A 56 -6.84 14.83 9.70
CA GLY A 56 -7.63 16.02 9.49
C GLY A 56 -8.84 16.09 10.39
N SER A 57 -9.32 14.93 10.82
CA SER A 57 -10.48 14.83 11.69
C SER A 57 -10.06 14.29 13.06
N TYR A 58 -11.02 14.29 13.98
CA TYR A 58 -10.80 13.77 15.33
C TYR A 58 -12.13 13.48 16.03
N LYS A 63 -12.34 12.91 21.72
CA LYS A 63 -13.67 12.43 22.10
C LYS A 63 -14.52 12.16 20.86
N ILE A 64 -15.58 11.36 21.04
CA ILE A 64 -16.51 11.05 19.97
C ILE A 64 -17.84 11.77 20.15
N SER A 65 -18.28 12.02 21.37
CA SER A 65 -19.50 12.79 21.63
C SER A 65 -19.25 14.29 21.60
N ALA A 66 -18.04 14.72 21.24
CA ALA A 66 -17.71 16.14 21.13
C ALA A 66 -17.45 16.47 19.67
N PRO A 67 -18.50 16.80 18.89
CA PRO A 67 -18.29 17.05 17.46
C PRO A 67 -17.59 18.38 17.17
N ASN A 68 -17.49 19.28 18.14
CA ASN A 68 -16.91 20.59 17.94
C ASN A 68 -15.44 20.66 18.37
N GLU A 69 -14.80 19.51 18.61
CA GLU A 69 -13.43 19.47 19.07
C GLU A 69 -12.61 18.56 18.15
N PHE A 70 -11.65 19.14 17.46
CA PHE A 70 -10.77 18.40 16.55
C PHE A 70 -9.37 18.34 17.12
N ASP A 71 -8.52 17.55 16.47
CA ASP A 71 -7.13 17.39 16.88
C ASP A 71 -6.30 17.13 15.64
N VAL A 72 -5.43 18.07 15.30
CA VAL A 72 -4.56 17.92 14.13
C VAL A 72 -3.14 17.73 14.60
N MET A 73 -2.38 16.98 13.81
CA MET A 73 -0.95 16.83 13.99
C MET A 73 -0.21 17.45 12.82
N PHE A 74 0.95 18.05 13.12
CA PHE A 74 1.77 18.72 12.12
C PHE A 74 3.08 17.97 11.99
N LYS A 75 3.26 17.27 10.88
CA LYS A 75 4.50 16.57 10.60
C LYS A 75 5.55 17.53 10.05
N LEU A 76 6.73 17.50 10.65
CA LEU A 76 7.92 18.20 10.19
C LEU A 76 9.08 17.20 10.15
N GLU A 77 9.49 16.81 8.94
CA GLU A 77 10.53 15.81 8.79
C GLU A 77 11.85 16.35 9.34
N VAL A 78 12.32 15.74 10.42
CA VAL A 78 13.68 15.98 10.92
C VAL A 78 14.56 14.84 10.43
N PRO A 79 15.63 15.11 9.68
CA PRO A 79 16.38 14.02 9.06
C PRO A 79 17.68 13.68 9.78
N ARG A 80 18.16 12.45 9.60
CA ARG A 80 19.44 11.99 10.13
C ARG A 80 19.53 12.24 11.63
N ILE A 81 18.66 11.58 12.37
CA ILE A 81 18.49 11.81 13.80
C ILE A 81 18.86 10.55 14.57
N GLN A 82 19.56 10.75 15.69
CA GLN A 82 19.94 9.66 16.59
C GLN A 82 19.12 9.77 17.87
N LEU A 83 18.30 8.75 18.13
CA LEU A 83 17.47 8.69 19.32
C LEU A 83 18.17 7.88 20.41
N GLU A 84 18.21 8.42 21.62
CA GLU A 84 18.70 7.69 22.78
C GLU A 84 17.66 7.74 23.89
N GLU A 85 17.31 6.56 24.40
CA GLU A 85 16.16 6.38 25.27
C GLU A 85 16.43 6.93 26.67
N TYR A 86 15.40 7.49 27.29
CA TYR A 86 15.53 8.12 28.62
C TYR A 86 15.26 7.06 29.68
N SER A 87 16.35 6.45 30.15
CA SER A 87 16.37 5.65 31.38
C SER A 87 15.26 4.59 31.40
N ASN A 88 15.34 3.69 30.42
CA ASN A 88 14.52 2.47 30.37
C ASN A 88 13.02 2.76 30.31
N THR A 89 12.62 3.97 29.90
CA THR A 89 11.20 4.24 29.71
C THR A 89 10.65 3.58 28.45
N ARG A 90 11.52 3.27 27.48
CA ARG A 90 11.18 2.52 26.26
C ARG A 90 10.13 3.22 25.40
N ALA A 91 9.69 4.42 25.80
CA ALA A 91 8.75 5.18 25.00
C ALA A 91 9.08 6.66 24.93
N TYR A 92 9.97 7.18 25.77
CA TYR A 92 10.38 8.57 25.74
C TYR A 92 11.85 8.64 25.38
N TYR A 93 12.22 9.60 24.54
CA TYR A 93 13.55 9.61 23.94
C TYR A 93 14.12 11.02 23.97
N PHE A 94 15.45 11.08 23.90
CA PHE A 94 16.16 12.33 23.68
C PHE A 94 16.67 12.37 22.25
N VAL A 95 16.55 13.54 21.64
CA VAL A 95 16.73 13.68 20.19
C VAL A 95 18.08 14.33 19.90
N LYS A 96 19.09 13.50 19.63
CA LYS A 96 20.47 13.95 19.46
C LYS A 96 20.80 14.02 17.96
N PHE A 97 20.89 15.24 17.45
CA PHE A 97 21.21 15.45 16.04
C PHE A 97 22.70 15.25 15.79
N SER A 107 19.49 25.82 14.16
CA SER A 107 20.09 25.25 15.36
C SER A 107 19.68 26.03 16.60
N GLN A 108 18.44 26.52 16.60
CA GLN A 108 18.02 27.50 17.60
C GLN A 108 17.75 26.89 18.97
N PHE A 109 17.44 25.59 19.03
CA PHE A 109 16.88 25.02 20.26
C PHE A 109 17.75 23.97 20.94
N LEU A 110 18.97 23.73 20.47
CA LEU A 110 19.84 22.73 21.11
C LEU A 110 20.36 23.31 22.42
N GLU A 111 19.70 22.95 23.53
CA GLU A 111 20.18 23.38 24.84
C GLU A 111 21.59 22.86 25.10
N GLY A 112 21.77 21.55 25.02
CA GLY A 112 23.09 20.95 25.02
C GLY A 112 23.31 20.18 23.74
N GLU A 113 23.75 18.93 23.84
CA GLU A 113 23.76 18.05 22.67
C GLU A 113 22.36 17.58 22.31
N ILE A 114 21.37 17.90 23.13
CA ILE A 114 19.99 17.53 22.86
C ILE A 114 19.24 18.75 22.38
N LEU A 115 18.03 18.53 21.85
CA LEU A 115 17.17 19.62 21.42
C LEU A 115 16.30 20.07 22.60
N SER A 116 15.26 20.84 22.33
CA SER A 116 14.38 21.32 23.39
C SER A 116 12.97 21.48 22.82
N ALA A 117 12.05 20.64 23.29
CA ALA A 117 10.65 20.81 22.92
C ALA A 117 10.10 22.12 23.47
N SER A 118 10.59 22.56 24.63
CA SER A 118 10.16 23.83 25.19
C SER A 118 10.52 24.98 24.27
N LYS A 119 11.77 24.99 23.78
CA LYS A 119 12.17 26.03 22.84
C LYS A 119 11.53 25.82 21.47
N MET A 120 11.25 24.57 21.10
CA MET A 120 10.58 24.31 19.82
C MET A 120 9.12 24.72 19.88
N LEU A 121 8.41 24.32 20.94
CA LEU A 121 7.01 24.68 21.07
C LEU A 121 6.83 26.18 21.33
N SER A 122 7.76 26.81 22.04
CA SER A 122 7.70 28.25 22.22
C SER A 122 7.83 28.96 20.88
N LYS A 123 8.82 28.57 20.08
CA LYS A 123 8.91 29.08 18.71
C LYS A 123 7.69 28.69 17.90
N PHE A 124 7.14 27.50 18.15
CA PHE A 124 5.89 27.10 17.51
C PHE A 124 4.75 28.01 17.96
N ARG A 125 4.53 28.09 19.28
CA ARG A 125 3.43 28.91 19.80
C ARG A 125 3.62 30.39 19.51
N LYS A 126 4.87 30.84 19.37
CA LYS A 126 5.10 32.24 19.01
C LYS A 126 4.72 32.49 17.55
N ILE A 127 5.23 31.65 16.64
CA ILE A 127 4.85 31.77 15.24
C ILE A 127 3.38 31.45 15.05
N ILE A 128 2.83 30.52 15.86
CA ILE A 128 1.41 30.22 15.77
C ILE A 128 0.59 31.43 16.21
N LYS A 129 1.08 32.17 17.20
CA LYS A 129 0.35 33.33 17.69
C LYS A 129 0.26 34.42 16.64
N GLU A 130 1.37 34.67 15.94
CA GLU A 130 1.47 35.83 15.05
C GLU A 130 0.42 35.80 13.96
N GLU A 131 0.33 34.68 13.23
CA GLU A 131 -0.56 34.61 12.08
C GLU A 131 -2.04 34.62 12.48
N ILE A 132 -2.36 34.25 13.72
CA ILE A 132 -3.76 34.09 14.11
C ILE A 132 -4.51 35.40 14.01
N ASN A 133 -3.85 36.52 14.33
CA ASN A 133 -4.49 37.83 14.30
C ASN A 133 -4.51 38.39 12.88
N ASP A 134 -5.21 37.67 12.01
CA ASP A 134 -5.38 38.07 10.61
C ASP A 134 -6.48 37.26 9.95
N ASP A 137 -11.36 36.60 13.87
CA ASP A 137 -12.31 36.31 14.95
C ASP A 137 -12.03 34.94 15.56
N THR A 138 -10.75 34.64 15.80
CA THR A 138 -10.33 33.37 16.37
C THR A 138 -9.43 33.64 17.57
N ASP A 139 -9.79 33.09 18.72
CA ASP A 139 -8.98 33.23 19.93
C ASP A 139 -8.03 32.04 20.05
N VAL A 140 -7.23 32.04 21.11
CA VAL A 140 -6.28 30.97 21.36
C VAL A 140 -6.23 30.64 22.85
N THR A 153 -4.55 25.03 20.64
CA THR A 153 -6.00 24.97 20.68
C THR A 153 -6.61 26.33 20.34
N LEU A 154 -7.23 26.41 19.16
CA LEU A 154 -7.76 27.67 18.63
C LEU A 154 -9.28 27.62 18.65
N LEU A 155 -9.89 28.36 19.57
CA LEU A 155 -11.34 28.46 19.65
C LEU A 155 -11.85 29.41 18.56
N ILE A 156 -12.84 28.95 17.81
CA ILE A 156 -13.41 29.75 16.73
C ILE A 156 -14.86 30.09 17.04
N LYS A 159 -16.80 28.99 19.76
CA LYS A 159 -17.52 27.77 19.39
C LYS A 159 -16.58 26.57 19.34
N ILE A 160 -16.39 26.03 18.14
CA ILE A 160 -15.49 24.89 17.97
C ILE A 160 -14.05 25.31 18.24
N SER A 161 -13.24 24.34 18.64
CA SER A 161 -11.85 24.60 19.01
C SER A 161 -11.01 23.38 18.64
N VAL A 162 -10.23 23.50 17.57
CA VAL A 162 -9.33 22.44 17.15
C VAL A 162 -8.02 22.56 17.90
N ASP A 163 -7.46 21.42 18.30
CA ASP A 163 -6.16 21.37 18.96
C ASP A 163 -5.09 20.92 17.98
N ILE A 164 -3.93 21.58 18.03
CA ILE A 164 -2.83 21.32 17.12
C ILE A 164 -1.68 20.65 17.87
N THR A 165 -1.03 19.71 17.21
CA THR A 165 0.11 18.99 17.76
C THR A 165 1.24 18.96 16.73
N LEU A 166 2.46 19.18 17.19
CA LEU A 166 3.63 19.11 16.34
C LEU A 166 4.31 17.76 16.51
N ALA A 167 4.64 17.10 15.40
CA ALA A 167 5.24 15.78 15.42
C ALA A 167 6.53 15.78 14.61
N LEU A 168 7.59 15.25 15.20
CA LEU A 168 8.82 15.01 14.46
C LEU A 168 8.65 13.77 13.59
N GLU A 169 9.18 13.83 12.37
CA GLU A 169 9.13 12.72 11.44
C GLU A 169 10.52 12.15 11.21
N SER A 170 10.62 10.83 11.22
CA SER A 170 11.89 10.15 10.95
C SER A 170 11.61 8.96 10.05
N LYS A 171 12.12 9.01 8.82
CA LYS A 171 12.02 7.90 7.88
C LYS A 171 12.99 6.77 8.19
N SER A 172 13.68 6.83 9.33
CA SER A 172 14.59 5.77 9.73
C SER A 172 13.82 4.59 10.30
N SER A 173 14.52 3.46 10.45
CA SER A 173 13.92 2.28 11.04
C SER A 173 13.40 2.58 12.44
N TRP A 174 12.31 1.91 12.80
CA TRP A 174 11.66 2.19 14.07
C TRP A 174 12.53 1.71 15.23
N PRO A 175 12.45 2.37 16.39
CA PRO A 175 13.31 2.00 17.52
C PRO A 175 13.10 0.55 17.96
N ALA A 176 14.10 0.04 18.68
CA ALA A 176 14.10 -1.36 19.08
C ALA A 176 12.99 -1.69 20.07
N SER A 177 12.42 -0.68 20.73
CA SER A 177 11.33 -0.94 21.67
C SER A 177 10.05 -1.38 20.97
N THR A 178 9.92 -1.10 19.66
CA THR A 178 8.78 -1.53 18.87
C THR A 178 8.99 -2.88 18.21
N GLN A 179 10.09 -3.57 18.54
CA GLN A 179 10.46 -4.78 17.81
C GLN A 179 9.39 -5.86 17.89
N GLU A 180 8.78 -6.02 19.06
CA GLU A 180 7.78 -7.05 19.28
C GLU A 180 6.37 -6.51 19.34
N GLY A 181 6.17 -5.23 19.02
CA GLY A 181 4.85 -4.64 18.97
C GLY A 181 4.16 -4.86 17.64
N LEU A 182 2.98 -4.28 17.52
CA LEU A 182 2.14 -4.37 16.32
C LEU A 182 2.06 -5.81 15.82
N ARG A 183 1.49 -6.66 16.66
CA ARG A 183 1.39 -8.10 16.39
C ARG A 183 0.12 -8.32 15.58
N ILE A 184 0.24 -8.16 14.26
CA ILE A 184 -0.90 -8.27 13.35
C ILE A 184 -0.66 -9.29 12.26
N GLN A 185 0.40 -10.10 12.37
CA GLN A 185 0.73 -11.03 11.29
C GLN A 185 -0.34 -12.10 11.12
N ASN A 186 -1.02 -12.48 12.19
CA ASN A 186 -2.12 -13.42 12.09
C ASN A 186 -3.44 -12.75 11.76
N TRP A 187 -3.50 -11.42 11.76
CA TRP A 187 -4.73 -10.68 11.49
C TRP A 187 -4.66 -9.94 10.16
N LEU A 188 -3.67 -9.09 9.96
CA LEU A 188 -3.52 -8.36 8.71
C LEU A 188 -2.33 -8.83 7.88
N SER A 189 -1.65 -9.89 8.31
CA SER A 189 -0.54 -10.58 7.63
C SER A 189 0.82 -9.95 7.94
N ALA A 190 1.88 -10.72 7.73
CA ALA A 190 3.23 -10.24 7.98
C ALA A 190 3.68 -9.25 6.91
N LYS A 191 3.26 -9.45 5.66
CA LYS A 191 3.61 -8.53 4.59
C LYS A 191 3.11 -7.12 4.90
N VAL A 192 1.88 -7.01 5.40
CA VAL A 192 1.35 -5.71 5.78
C VAL A 192 2.12 -5.13 6.96
N ARG A 193 2.56 -6.00 7.88
CA ARG A 193 3.36 -5.53 9.01
C ARG A 193 4.69 -4.97 8.53
N LYS A 194 5.35 -5.67 7.61
CA LYS A 194 6.60 -5.17 7.05
C LYS A 194 6.39 -3.85 6.31
N GLN A 195 5.28 -3.73 5.58
CA GLN A 195 5.01 -2.51 4.85
C GLN A 195 4.73 -1.33 5.78
N LEU A 196 4.09 -1.57 6.92
CA LEU A 196 3.82 -0.49 7.86
C LEU A 196 5.09 -0.03 8.56
N ARG A 197 6.02 -0.95 8.82
CA ARG A 197 7.22 -0.60 9.58
C ARG A 197 8.26 0.12 8.73
N LEU A 198 8.16 0.05 7.41
CA LEU A 198 9.01 0.86 6.55
C LEU A 198 8.49 2.29 6.41
N LYS A 199 7.31 2.58 6.93
CA LYS A 199 6.80 3.93 7.00
C LYS A 199 7.44 4.68 8.17
N PRO A 200 7.44 6.00 8.14
CA PRO A 200 8.13 6.76 9.20
C PRO A 200 7.38 6.69 10.52
N PHE A 201 8.14 6.78 11.61
CA PHE A 201 7.60 6.92 12.95
C PHE A 201 7.70 8.36 13.41
N TYR A 202 6.74 8.79 14.22
CA TYR A 202 6.61 10.19 14.59
C TYR A 202 6.81 10.38 16.09
N LEU A 203 7.47 11.47 16.45
CA LEU A 203 7.75 11.82 17.83
C LEU A 203 7.00 13.09 18.20
N VAL A 204 6.53 13.16 19.44
CA VAL A 204 5.68 14.26 19.89
C VAL A 204 6.17 14.74 21.25
N PRO A 205 6.24 16.05 21.49
CA PRO A 205 6.78 16.55 22.77
C PRO A 205 5.93 16.10 23.95
N LYS A 206 6.60 15.55 24.95
CA LYS A 206 5.93 15.08 26.16
C LYS A 206 6.95 14.84 27.28
N THR A 218 11.58 15.50 26.85
CA THR A 218 11.55 14.19 26.21
C THR A 218 10.49 14.13 25.12
N TRP A 219 10.68 13.22 24.17
CA TRP A 219 9.74 12.99 23.08
C TRP A 219 9.25 11.55 23.13
N ARG A 220 7.96 11.35 22.92
CA ARG A 220 7.36 10.02 22.99
C ARG A 220 7.02 9.50 21.60
N LEU A 221 7.13 8.19 21.43
CA LEU A 221 6.72 7.53 20.20
C LEU A 221 5.27 7.86 19.88
N SER A 222 4.98 7.97 18.59
CA SER A 222 3.62 8.17 18.12
C SER A 222 3.45 7.44 16.80
N PHE A 223 2.39 6.65 16.71
CA PHE A 223 2.05 5.90 15.49
C PHE A 223 0.59 6.14 15.13
N SER A 224 0.14 7.40 15.27
CA SER A 224 -1.23 7.74 14.95
C SER A 224 -1.55 7.44 13.50
N HIS A 225 -0.59 7.67 12.60
CA HIS A 225 -0.79 7.35 11.20
C HIS A 225 -1.04 5.85 10.99
N ILE A 226 -0.31 5.01 11.73
CA ILE A 226 -0.50 3.56 11.61
C ILE A 226 -1.84 3.16 12.22
N GLU A 227 -2.25 3.82 13.30
CA GLU A 227 -3.53 3.51 13.93
C GLU A 227 -4.68 3.75 12.95
N LYS A 228 -4.69 4.91 12.29
CA LYS A 228 -5.75 5.22 11.33
C LYS A 228 -5.73 4.24 10.17
N GLU A 229 -4.54 3.84 9.72
CA GLU A 229 -4.44 2.94 8.58
C GLU A 229 -5.11 1.59 8.87
N ILE A 230 -4.75 0.97 10.00
CA ILE A 230 -5.34 -0.33 10.32
C ILE A 230 -6.78 -0.20 10.76
N LEU A 231 -7.24 1.01 11.08
CA LEU A 231 -8.62 1.20 11.52
C LEU A 231 -9.59 1.18 10.34
N ASN A 232 -9.25 1.88 9.26
CA ASN A 232 -10.07 1.95 8.07
C ASN A 232 -9.73 0.87 7.05
N ASN A 233 -8.73 0.03 7.33
CA ASN A 233 -8.41 -1.17 6.56
C ASN A 233 -8.25 -2.28 7.59
N HIS A 234 -9.37 -2.75 8.12
CA HIS A 234 -9.40 -3.48 9.38
C HIS A 234 -9.61 -4.98 9.25
N GLY A 235 -10.03 -5.48 8.09
CA GLY A 235 -10.37 -6.87 7.97
C GLY A 235 -9.24 -7.76 7.49
N LYS A 236 -9.37 -9.05 7.78
CA LYS A 236 -8.48 -10.03 7.16
C LYS A 236 -8.70 -10.10 5.66
N SER A 237 -9.96 -10.06 5.24
CA SER A 237 -10.29 -9.90 3.83
C SER A 237 -10.19 -8.44 3.43
N LYS A 238 -9.68 -8.19 2.22
CA LYS A 238 -9.54 -6.82 1.75
C LYS A 238 -10.88 -6.19 1.43
N THR A 239 -11.91 -6.99 1.12
CA THR A 239 -13.26 -6.50 0.91
C THR A 239 -14.11 -6.54 2.17
N CYS A 240 -13.48 -6.54 3.35
CA CYS A 240 -14.24 -6.53 4.58
C CYS A 240 -15.01 -5.22 4.72
N CYS A 241 -16.25 -5.32 5.17
CA CYS A 241 -17.16 -4.19 5.30
C CYS A 241 -17.38 -3.47 3.97
N GLU A 242 -17.20 -4.18 2.85
CA GLU A 242 -17.38 -3.61 1.52
C GLU A 242 -18.57 -4.20 0.77
N ASN A 243 -19.16 -5.28 1.27
CA ASN A 243 -20.34 -5.86 0.66
C ASN A 243 -21.22 -6.44 1.75
N LYS A 244 -22.44 -6.82 1.37
CA LYS A 244 -23.41 -7.33 2.33
C LYS A 244 -22.99 -8.66 2.95
N GLU A 245 -22.14 -9.42 2.27
CA GLU A 245 -21.71 -10.72 2.78
C GLU A 245 -20.51 -10.64 3.70
N GLU A 246 -19.76 -9.54 3.66
CA GLU A 246 -18.53 -9.38 4.43
C GLU A 246 -18.59 -8.13 5.29
N LYS A 247 -19.66 -7.98 6.06
CA LYS A 247 -19.87 -6.80 6.90
C LYS A 247 -19.56 -7.15 8.35
N CYS A 248 -18.56 -6.47 8.92
CA CYS A 248 -18.14 -6.69 10.29
C CYS A 248 -18.57 -5.52 11.17
N CYS A 249 -18.36 -5.68 12.48
CA CYS A 249 -18.73 -4.68 13.47
C CYS A 249 -17.54 -4.23 14.28
N ARG A 250 -16.33 -4.25 13.70
CA ARG A 250 -15.14 -3.81 14.40
C ARG A 250 -15.22 -2.32 14.73
N LYS A 251 -15.50 -1.49 13.72
CA LYS A 251 -15.57 -0.06 13.95
C LYS A 251 -16.68 0.30 14.94
N ASP A 252 -17.84 -0.35 14.81
CA ASP A 252 -18.93 -0.08 15.74
C ASP A 252 -18.55 -0.44 17.16
N CYS A 253 -17.78 -1.52 17.34
CA CYS A 253 -17.33 -1.91 18.67
C CYS A 253 -16.41 -0.86 19.27
N LEU A 254 -15.55 -0.27 18.45
CA LEU A 254 -14.65 0.77 18.94
C LEU A 254 -15.43 2.03 19.31
N LYS A 255 -16.39 2.43 18.47
CA LYS A 255 -17.18 3.62 18.77
C LYS A 255 -17.99 3.45 20.05
N LEU A 256 -18.53 2.24 20.27
CA LEU A 256 -19.34 2.00 21.45
C LEU A 256 -18.52 2.08 22.73
N MET A 257 -17.33 1.48 22.74
CA MET A 257 -16.49 1.52 23.93
C MET A 257 -15.95 2.91 24.20
N LYS A 258 -15.69 3.69 23.14
CA LYS A 258 -15.33 5.09 23.33
C LYS A 258 -16.50 5.89 23.90
N TYR A 259 -17.69 5.73 23.31
CA TYR A 259 -18.88 6.36 23.85
C TYR A 259 -19.19 5.86 25.26
N LEU A 260 -18.86 4.59 25.54
CA LEU A 260 -19.02 4.05 26.88
C LEU A 260 -18.18 4.82 27.89
N LEU A 261 -16.89 5.02 27.58
CA LEU A 261 -16.00 5.66 28.54
C LEU A 261 -16.28 7.14 28.67
N GLU A 262 -16.52 7.83 27.55
CA GLU A 262 -16.73 9.28 27.60
C GLU A 262 -17.96 9.64 28.44
N GLN A 263 -19.05 8.88 28.27
CA GLN A 263 -20.28 9.21 28.98
C GLN A 263 -20.12 9.03 30.49
N LEU A 264 -19.43 7.97 30.92
CA LEU A 264 -19.17 7.80 32.34
C LEU A 264 -18.17 8.82 32.85
N LYS A 265 -17.20 9.22 32.01
CA LYS A 265 -16.33 10.33 32.37
C LYS A 265 -17.13 11.61 32.60
N GLU A 266 -18.22 11.78 31.86
CA GLU A 266 -19.08 12.94 32.05
C GLU A 266 -19.96 12.79 33.29
N ARG A 267 -20.52 11.60 33.51
CA ARG A 267 -21.40 11.38 34.65
C ARG A 267 -20.66 11.64 35.96
N PHE A 268 -19.48 11.06 36.12
CA PHE A 268 -18.64 11.29 37.30
C PHE A 268 -17.58 12.33 37.01
N LYS A 269 -17.99 13.48 36.47
CA LYS A 269 -17.03 14.52 36.13
C LYS A 269 -16.38 15.11 37.37
N ASP A 270 -17.08 15.11 38.49
CA ASP A 270 -16.57 15.73 39.72
C ASP A 270 -15.75 14.77 40.57
N LYS A 271 -16.03 13.47 40.51
CA LYS A 271 -15.33 12.51 41.36
C LYS A 271 -13.83 12.46 41.05
N LYS A 272 -13.43 12.90 39.86
CA LYS A 272 -12.02 12.94 39.44
C LYS A 272 -11.37 11.56 39.47
N HIS A 273 -12.17 10.49 39.38
CA HIS A 273 -11.64 9.14 39.36
C HIS A 273 -11.33 8.65 37.95
N LEU A 274 -11.91 9.27 36.93
CA LEU A 274 -11.78 8.79 35.56
C LEU A 274 -11.16 9.81 34.60
N ASP A 275 -10.77 10.99 35.09
CA ASP A 275 -10.20 11.99 34.21
C ASP A 275 -8.82 11.59 33.68
N LYS A 276 -8.18 10.61 34.31
CA LYS A 276 -6.90 10.12 33.81
C LYS A 276 -7.07 9.09 32.70
N PHE A 277 -8.26 8.52 32.55
CA PHE A 277 -8.54 7.60 31.46
C PHE A 277 -8.87 8.39 30.19
N SER A 278 -8.45 7.85 29.05
CA SER A 278 -8.63 8.54 27.78
C SER A 278 -9.03 7.52 26.71
N SER A 279 -9.58 8.06 25.62
CA SER A 279 -10.01 7.22 24.50
C SER A 279 -8.86 6.43 23.90
N TYR A 280 -7.61 6.83 24.16
CA TYR A 280 -6.48 6.07 23.64
C TYR A 280 -6.33 4.74 24.37
N HIS A 281 -6.79 4.66 25.62
CA HIS A 281 -6.79 3.37 26.32
C HIS A 281 -7.81 2.44 25.70
N VAL A 282 -9.02 2.94 25.44
CA VAL A 282 -10.07 2.14 24.82
C VAL A 282 -9.58 1.59 23.48
N LYS A 283 -9.03 2.47 22.65
CA LYS A 283 -8.60 2.06 21.31
C LYS A 283 -7.42 1.09 21.39
N THR A 284 -6.50 1.32 22.33
CA THR A 284 -5.39 0.39 22.53
C THR A 284 -5.91 -1.00 22.89
N ALA A 285 -6.87 -1.06 23.82
CA ALA A 285 -7.47 -2.35 24.18
C ALA A 285 -8.20 -2.96 23.01
N PHE A 286 -8.87 -2.12 22.21
CA PHE A 286 -9.59 -2.63 21.04
C PHE A 286 -8.64 -3.32 20.06
N PHE A 287 -7.46 -2.73 19.84
CA PHE A 287 -6.50 -3.33 18.92
C PHE A 287 -6.04 -4.70 19.42
N HIS A 288 -5.86 -4.84 20.73
CA HIS A 288 -5.44 -6.13 21.28
C HIS A 288 -6.49 -7.20 21.04
N VAL A 289 -7.77 -6.84 21.20
CA VAL A 289 -8.85 -7.81 20.95
C VAL A 289 -8.88 -8.17 19.47
N CYS A 290 -8.61 -7.21 18.60
CA CYS A 290 -8.47 -7.51 17.18
C CYS A 290 -7.34 -8.50 16.94
N THR A 291 -6.26 -8.39 17.70
CA THR A 291 -5.20 -9.39 17.62
C THR A 291 -5.66 -10.73 18.17
N GLN A 292 -6.44 -10.71 19.25
CA GLN A 292 -6.93 -11.97 19.82
C GLN A 292 -8.00 -12.60 18.95
N ASN A 293 -8.72 -11.81 18.16
CA ASN A 293 -9.79 -12.29 17.28
C ASN A 293 -9.45 -11.89 15.85
N PRO A 294 -8.57 -12.66 15.19
CA PRO A 294 -8.13 -12.24 13.85
C PRO A 294 -9.19 -12.40 12.77
N GLN A 295 -9.99 -13.47 12.83
CA GLN A 295 -10.89 -13.77 11.74
C GLN A 295 -12.05 -12.78 11.67
N ASP A 296 -12.47 -12.46 10.46
CA ASP A 296 -13.59 -11.54 10.27
C ASP A 296 -14.91 -12.16 10.72
N SER A 297 -15.03 -13.49 10.67
CA SER A 297 -16.25 -14.15 11.10
C SER A 297 -16.46 -14.04 12.60
N GLN A 298 -15.40 -13.76 13.36
CA GLN A 298 -15.54 -13.43 14.77
C GLN A 298 -15.96 -11.98 15.00
N TRP A 299 -16.33 -11.28 13.93
CA TRP A 299 -16.79 -9.90 14.03
C TRP A 299 -18.05 -9.66 13.21
N ASP A 300 -18.82 -10.71 12.92
CA ASP A 300 -20.07 -10.56 12.18
C ASP A 300 -20.98 -9.57 12.90
N ARG A 301 -21.54 -8.62 12.13
CA ARG A 301 -22.45 -7.66 12.73
C ARG A 301 -23.75 -8.29 13.19
N LYS A 302 -23.99 -9.56 12.86
CA LYS A 302 -25.05 -10.31 13.52
C LYS A 302 -24.78 -10.44 15.02
N ASP A 303 -23.50 -10.43 15.40
CA ASP A 303 -23.09 -10.63 16.80
C ASP A 303 -22.51 -9.35 17.40
N LEU A 304 -23.10 -8.19 17.08
CA LEU A 304 -22.61 -6.94 17.63
C LEU A 304 -22.71 -6.93 19.15
N GLY A 305 -23.80 -7.49 19.69
CA GLY A 305 -23.96 -7.51 21.14
C GLY A 305 -22.89 -8.31 21.84
N LEU A 306 -22.57 -9.49 21.31
CA LEU A 306 -21.53 -10.32 21.90
C LEU A 306 -20.15 -9.73 21.65
N CYS A 307 -19.93 -9.19 20.45
CA CYS A 307 -18.61 -8.62 20.13
C CYS A 307 -18.29 -7.44 21.02
N PHE A 308 -19.28 -6.56 21.26
CA PHE A 308 -19.06 -5.44 22.17
C PHE A 308 -18.84 -5.92 23.60
N ASP A 309 -19.57 -6.96 24.01
CA ASP A 309 -19.38 -7.52 25.34
C ASP A 309 -17.97 -8.08 25.50
N ASN A 310 -17.47 -8.77 24.47
CA ASN A 310 -16.11 -9.29 24.54
C ASN A 310 -15.07 -8.17 24.56
N CYS A 311 -15.42 -7.01 24.02
CA CYS A 311 -14.51 -5.87 24.07
C CYS A 311 -14.42 -5.30 25.48
N VAL A 312 -15.57 -4.99 26.09
CA VAL A 312 -15.57 -4.46 27.45
C VAL A 312 -15.00 -5.47 28.43
N THR A 313 -15.17 -6.77 28.15
CA THR A 313 -14.65 -7.79 29.04
C THR A 313 -13.12 -7.75 29.07
N TYR A 314 -12.50 -7.68 27.89
CA TYR A 314 -11.04 -7.59 27.84
C TYR A 314 -10.56 -6.31 28.49
N PHE A 315 -11.24 -5.18 28.22
CA PHE A 315 -10.86 -3.92 28.83
C PHE A 315 -10.93 -4.00 30.35
N LEU A 316 -11.91 -4.74 30.87
CA LEU A 316 -12.01 -4.91 32.32
C LEU A 316 -10.89 -5.80 32.85
N GLN A 317 -10.52 -6.83 32.09
CA GLN A 317 -9.40 -7.67 32.48
C GLN A 317 -8.11 -6.86 32.53
N CYS A 318 -7.98 -5.84 31.69
CA CYS A 318 -6.82 -4.96 31.75
C CYS A 318 -6.86 -4.09 33.00
N LEU A 319 -8.03 -3.54 33.31
CA LEU A 319 -8.15 -2.68 34.50
C LEU A 319 -7.87 -3.46 35.78
N ARG A 320 -8.35 -4.70 35.86
CA ARG A 320 -8.21 -5.47 37.09
C ARG A 320 -6.78 -5.96 37.27
N THR A 321 -6.18 -6.51 36.22
CA THR A 321 -4.80 -6.95 36.29
C THR A 321 -3.79 -5.82 36.18
N GLU A 322 -4.26 -4.59 35.87
CA GLU A 322 -3.41 -3.40 35.84
C GLU A 322 -2.35 -3.51 34.74
N LYS A 323 -2.70 -4.12 33.62
CA LYS A 323 -1.78 -4.27 32.49
C LYS A 323 -2.50 -3.91 31.20
N LEU A 324 -2.03 -2.86 30.53
CA LEU A 324 -2.48 -2.50 29.19
C LEU A 324 -1.24 -2.08 28.41
N GLU A 325 -0.67 -3.01 27.66
CA GLU A 325 0.54 -2.72 26.92
C GLU A 325 0.25 -1.78 25.75
N ASN A 326 1.20 -0.90 25.45
CA ASN A 326 1.14 -0.12 24.22
C ASN A 326 1.17 -1.06 23.03
N TYR A 327 0.28 -0.82 22.07
CA TYR A 327 0.16 -1.73 20.93
C TYR A 327 1.46 -1.82 20.13
N PHE A 328 2.28 -0.77 20.16
CA PHE A 328 3.54 -0.74 19.44
C PHE A 328 4.75 -0.95 20.34
N ILE A 329 4.68 -0.48 21.58
CA ILE A 329 5.75 -0.69 22.56
C ILE A 329 5.24 -1.62 23.64
N PRO A 330 5.37 -2.94 23.47
CA PRO A 330 4.74 -3.88 24.44
C PRO A 330 5.23 -3.72 25.86
N GLU A 331 6.44 -3.20 26.07
CA GLU A 331 6.98 -3.02 27.42
C GLU A 331 6.55 -1.71 28.06
N PHE A 332 5.65 -0.96 27.41
CA PHE A 332 5.12 0.29 27.94
C PHE A 332 3.69 0.02 28.38
N ASN A 333 3.49 -0.11 29.69
CA ASN A 333 2.17 -0.40 30.25
C ASN A 333 1.48 0.92 30.58
N LEU A 334 0.40 1.22 29.86
CA LEU A 334 -0.37 2.43 30.13
C LEU A 334 -1.16 2.33 31.42
N PHE A 335 -1.45 1.12 31.90
CA PHE A 335 -2.21 0.90 33.13
C PHE A 335 -1.31 0.61 34.32
N SER A 336 -0.19 1.31 34.44
CA SER A 336 0.76 1.08 35.52
C SER A 336 0.37 1.86 36.77
N SER A 337 0.85 1.39 37.92
CA SER A 337 0.58 2.08 39.18
C SER A 337 1.21 3.46 39.21
N ASN A 338 2.30 3.67 38.47
CA ASN A 338 2.91 4.99 38.39
C ASN A 338 2.06 5.96 37.58
N LEU A 339 1.21 5.46 36.69
CA LEU A 339 0.34 6.31 35.88
C LEU A 339 -1.03 6.44 36.54
N ILE A 340 -1.83 5.39 36.48
CA ILE A 340 -3.16 5.35 37.07
C ILE A 340 -3.11 4.49 38.32
N ASP A 341 -3.68 4.97 39.41
CA ASP A 341 -3.66 4.21 40.65
C ASP A 341 -4.87 3.29 40.74
N LYS A 342 -4.78 2.32 41.67
CA LYS A 342 -5.74 1.21 41.69
C LYS A 342 -7.15 1.69 41.97
N ARG A 343 -7.30 2.70 42.82
CA ARG A 343 -8.64 3.18 43.18
C ARG A 343 -9.41 3.65 41.95
N SER A 344 -8.71 4.25 40.99
CA SER A 344 -9.38 4.75 39.80
C SER A 344 -9.79 3.63 38.87
N LYS A 345 -8.97 2.58 38.77
CA LYS A 345 -9.33 1.43 37.95
C LYS A 345 -10.48 0.66 38.59
N GLU A 346 -10.44 0.48 39.91
CA GLU A 346 -11.51 -0.24 40.59
C GLU A 346 -12.83 0.51 40.49
N PHE A 347 -12.78 1.85 40.54
CA PHE A 347 -13.99 2.63 40.35
C PHE A 347 -14.51 2.50 38.92
N LEU A 348 -13.62 2.60 37.94
CA LEU A 348 -14.04 2.42 36.55
C LEU A 348 -14.53 1.01 36.30
N THR A 349 -13.86 0.01 36.90
CA THR A 349 -14.31 -1.37 36.79
C THR A 349 -15.74 -1.51 37.29
N LYS A 350 -15.98 -1.10 38.54
CA LYS A 350 -17.31 -1.23 39.14
C LYS A 350 -18.38 -0.52 38.31
N GLN A 351 -18.05 0.62 37.72
CA GLN A 351 -19.04 1.38 36.96
C GLN A 351 -19.40 0.67 35.66
N ILE A 352 -18.45 0.00 35.03
CA ILE A 352 -18.74 -0.71 33.80
C ILE A 352 -19.48 -2.02 34.08
N GLU A 353 -19.11 -2.72 35.16
CA GLU A 353 -19.78 -3.97 35.48
C GLU A 353 -21.25 -3.74 35.80
N TYR A 354 -21.57 -2.67 36.53
CA TYR A 354 -22.97 -2.33 36.78
C TYR A 354 -23.66 -1.96 35.47
N GLU A 355 -22.97 -1.18 34.62
CA GLU A 355 -23.54 -0.76 33.35
C GLU A 355 -23.92 -1.96 32.51
N ARG A 356 -22.98 -2.90 32.33
CA ARG A 356 -23.24 -4.07 31.51
C ARG A 356 -24.27 -4.99 32.17
N ASN A 357 -24.33 -4.99 33.51
CA ASN A 357 -25.32 -5.79 34.22
C ASN A 357 -26.74 -5.27 34.05
N ASN A 358 -26.91 -4.05 33.54
CA ASN A 358 -28.23 -3.44 33.43
C ASN A 358 -28.47 -2.87 32.04
N GLU A 359 -27.87 -3.49 31.02
CA GLU A 359 -28.06 -3.10 29.62
C GLU A 359 -27.72 -1.63 29.37
N PHE A 360 -26.72 -1.12 30.10
CA PHE A 360 -26.12 0.19 29.88
C PHE A 360 -27.15 1.32 29.93
N PRO A 361 -27.65 1.67 31.13
CA PRO A 361 -28.54 2.82 31.23
C PRO A 361 -27.86 4.14 30.86
N VAL A 362 -26.53 4.16 30.79
CA VAL A 362 -25.82 5.36 30.35
C VAL A 362 -26.10 5.63 28.87
N PHE A 363 -26.41 4.59 28.11
CA PHE A 363 -26.71 4.71 26.68
C PHE A 363 -28.13 5.19 26.41
N ASP A 364 -28.67 6.07 27.24
CA ASP A 364 -30.04 6.54 27.08
C ASP A 364 -30.12 8.05 26.95
N GLY B 5 -3.66 -35.66 -12.84
CA GLY B 5 -2.37 -35.55 -13.48
C GLY B 5 -1.65 -34.25 -13.15
N ALA B 6 -1.77 -33.82 -11.89
CA ALA B 6 -1.18 -32.56 -11.46
C ALA B 6 0.26 -32.70 -10.95
N SER B 7 0.70 -33.92 -10.64
CA SER B 7 2.06 -34.11 -10.15
C SER B 7 3.10 -33.84 -11.24
N LYS B 8 2.74 -34.09 -12.50
CA LYS B 8 3.64 -33.75 -13.59
C LYS B 8 3.84 -32.24 -13.69
N LEU B 9 2.83 -31.46 -13.31
CA LEU B 9 2.96 -30.01 -13.30
C LEU B 9 3.80 -29.54 -12.13
N ARG B 10 3.61 -30.14 -10.96
CA ARG B 10 4.45 -29.82 -9.80
C ARG B 10 5.88 -30.32 -10.01
N ALA B 11 6.05 -31.43 -10.73
CA ALA B 11 7.39 -31.85 -11.12
C ALA B 11 8.06 -30.80 -11.99
N VAL B 12 7.26 -30.14 -12.83
CA VAL B 12 7.79 -29.00 -13.58
C VAL B 12 8.16 -27.86 -12.63
N LEU B 13 7.29 -27.56 -11.66
CA LEU B 13 7.57 -26.51 -10.69
C LEU B 13 8.83 -26.80 -9.90
N GLU B 14 9.03 -28.06 -9.54
CA GLU B 14 10.22 -28.44 -8.79
C GLU B 14 11.47 -28.11 -9.58
N LYS B 15 11.51 -28.52 -10.86
CA LYS B 15 12.67 -28.23 -11.69
C LYS B 15 12.79 -26.75 -12.01
N LEU B 16 11.66 -26.04 -12.09
CA LEU B 16 11.73 -24.60 -12.36
C LEU B 16 12.37 -23.84 -11.20
N LYS B 17 12.27 -24.37 -9.99
CA LYS B 17 12.91 -23.75 -8.83
C LYS B 17 14.31 -24.33 -8.61
N SER B 19 16.79 -23.67 -10.78
CA SER B 19 17.42 -22.44 -11.26
C SER B 19 17.27 -21.31 -10.25
N ARG B 20 17.11 -21.67 -8.97
CA ARG B 20 16.91 -20.67 -7.94
C ARG B 20 18.21 -19.92 -7.66
N ASP B 21 19.28 -20.64 -7.33
CA ASP B 21 20.55 -20.00 -7.02
C ASP B 21 21.25 -19.49 -8.26
N ASP B 22 21.01 -20.11 -9.42
CA ASP B 22 21.70 -19.70 -10.65
C ASP B 22 21.33 -18.28 -11.04
N ILE B 23 20.10 -17.85 -10.75
CA ILE B 23 19.73 -16.47 -11.02
C ILE B 23 20.13 -15.54 -9.88
N SER B 24 20.32 -16.08 -8.67
CA SER B 24 20.71 -15.25 -7.54
C SER B 24 22.16 -14.80 -7.66
N THR B 25 23.06 -15.72 -8.05
CA THR B 25 24.47 -15.35 -8.19
C THR B 25 24.69 -14.46 -9.41
N ALA B 26 23.93 -14.67 -10.48
CA ALA B 26 24.13 -13.88 -11.69
C ALA B 26 23.60 -12.46 -11.55
N ALA B 27 22.54 -12.28 -10.74
CA ALA B 27 21.96 -10.95 -10.59
C ALA B 27 22.92 -9.97 -9.95
N GLY B 28 23.86 -10.47 -9.14
CA GLY B 28 24.85 -9.58 -8.55
C GLY B 28 25.76 -8.95 -9.58
N MET B 29 26.11 -9.71 -10.63
CA MET B 29 26.88 -9.16 -11.72
C MET B 29 26.09 -8.07 -12.46
N VAL B 30 24.78 -8.28 -12.60
CA VAL B 30 23.95 -7.27 -13.25
C VAL B 30 23.81 -6.03 -12.37
N LYS B 31 23.67 -6.23 -11.05
CA LYS B 31 23.52 -5.10 -10.14
C LYS B 31 24.69 -4.13 -10.27
N GLY B 32 25.89 -4.64 -10.42
CA GLY B 32 27.04 -3.77 -10.64
C GLY B 32 26.94 -3.00 -11.95
N VAL B 33 26.54 -3.68 -13.02
CA VAL B 33 26.44 -3.02 -14.32
C VAL B 33 25.36 -1.94 -14.30
N VAL B 34 24.21 -2.25 -13.70
CA VAL B 34 23.13 -1.26 -13.65
C VAL B 34 23.53 -0.08 -12.77
N ASP B 35 24.07 -0.35 -11.58
CA ASP B 35 24.54 0.72 -10.71
C ASP B 35 25.66 1.52 -11.38
N HIS B 36 26.53 0.82 -12.13
CA HIS B 36 27.56 1.50 -12.93
C HIS B 36 26.99 2.05 -14.23
N LEU B 37 25.69 1.96 -14.45
CA LEU B 37 25.10 2.60 -15.62
C LEU B 37 24.35 3.87 -15.22
N LEU B 38 23.77 3.89 -14.03
CA LEU B 38 22.95 5.02 -13.61
C LEU B 38 23.78 6.27 -13.36
N LEU B 39 25.01 6.14 -12.86
CA LEU B 39 25.80 7.33 -12.54
C LEU B 39 26.16 8.14 -13.78
N ARG B 40 26.22 7.50 -14.94
CA ARG B 40 26.65 8.16 -16.17
C ARG B 40 25.53 8.87 -16.91
N LEU B 41 24.31 8.80 -16.41
CA LEU B 41 23.18 9.48 -17.06
C LEU B 41 22.45 10.39 -16.08
N CYS B 43 25.29 11.48 -15.15
CA CYS B 43 25.78 12.84 -15.01
C CYS B 43 25.09 13.79 -15.98
N ASP B 44 24.30 13.23 -16.88
CA ASP B 44 23.63 14.05 -17.89
C ASP B 44 22.57 14.94 -17.24
N SER B 45 22.40 16.14 -17.82
CA SER B 45 21.25 16.95 -17.46
C SER B 45 19.96 16.29 -17.91
N ALA B 46 19.99 15.61 -19.07
CA ALA B 46 18.78 15.01 -19.62
C ALA B 46 18.27 13.88 -18.74
N PHE B 47 19.17 13.07 -18.19
CA PHE B 47 18.76 11.94 -17.38
C PHE B 47 19.09 12.18 -15.91
N ARG B 48 18.76 13.37 -15.41
CA ARG B 48 19.08 13.73 -14.04
C ARG B 48 18.33 12.85 -13.05
N GLY B 49 17.00 12.87 -13.10
CA GLY B 49 16.20 12.11 -12.17
C GLY B 49 15.87 10.71 -12.67
N VAL B 50 16.87 9.97 -13.11
CA VAL B 50 16.68 8.62 -13.62
C VAL B 50 16.90 7.63 -12.49
N GLY B 51 15.89 6.78 -12.26
CA GLY B 51 16.03 5.64 -11.38
C GLY B 51 15.50 4.40 -12.06
N LEU B 52 15.51 3.30 -11.31
CA LEU B 52 14.97 2.04 -11.79
C LEU B 52 13.64 1.74 -11.12
N LEU B 53 12.93 0.76 -11.67
CA LEU B 53 11.65 0.34 -11.12
C LEU B 53 11.82 -0.86 -10.19
N THR B 55 14.66 -4.39 -8.14
CA THR B 55 14.40 -5.82 -8.19
C THR B 55 14.28 -6.30 -9.63
N GLY B 56 15.42 -6.64 -10.24
CA GLY B 56 15.47 -7.05 -11.63
C GLY B 56 14.59 -8.25 -11.94
N SER B 57 13.68 -8.09 -12.90
CA SER B 57 12.76 -9.14 -13.28
C SER B 57 13.44 -10.13 -14.23
N TYR B 58 12.78 -11.28 -14.44
CA TYR B 58 13.35 -12.35 -15.24
C TYR B 58 12.20 -13.22 -15.75
N TYR B 59 11.53 -12.72 -16.78
CA TYR B 59 10.44 -13.45 -17.41
C TYR B 59 10.97 -14.67 -18.16
N SER B 65 12.44 -20.16 -17.88
CA SER B 65 13.14 -21.07 -18.80
C SER B 65 14.45 -20.45 -19.26
N ALA B 66 14.71 -19.21 -18.86
CA ALA B 66 15.93 -18.50 -19.21
C ALA B 66 16.41 -17.71 -18.01
N PRO B 67 17.18 -18.35 -17.12
CA PRO B 67 17.68 -17.63 -15.93
C PRO B 67 18.81 -16.65 -16.22
N ASN B 68 19.34 -16.63 -17.45
CA ASN B 68 20.43 -15.75 -17.81
C ASN B 68 19.98 -14.54 -18.62
N GLU B 69 18.69 -14.22 -18.57
CA GLU B 69 18.14 -13.08 -19.31
C GLU B 69 17.31 -12.23 -18.36
N PHE B 70 17.58 -10.92 -18.38
CA PHE B 70 16.98 -9.98 -17.45
C PHE B 70 16.41 -8.80 -18.22
N ASP B 71 15.43 -8.12 -17.63
CA ASP B 71 14.91 -6.87 -18.16
C ASP B 71 14.63 -5.93 -17.01
N VAL B 72 15.26 -4.76 -17.02
CA VAL B 72 15.06 -3.72 -16.03
C VAL B 72 14.57 -2.47 -16.76
N MET B 73 13.74 -1.69 -16.07
CA MET B 73 13.21 -0.44 -16.60
C MET B 73 13.79 0.74 -15.84
N PHE B 74 14.17 1.77 -16.58
CA PHE B 74 14.77 2.98 -16.00
C PHE B 74 13.72 4.08 -16.00
N LYS B 75 13.17 4.38 -14.82
CA LYS B 75 12.18 5.44 -14.71
C LYS B 75 12.84 6.80 -14.82
N LEU B 76 12.20 7.70 -15.57
CA LEU B 76 12.65 9.08 -15.70
C LEU B 76 11.45 9.98 -15.38
N GLU B 77 11.52 10.68 -14.26
CA GLU B 77 10.42 11.55 -13.85
C GLU B 77 10.28 12.70 -14.82
N VAL B 78 9.12 12.78 -15.47
CA VAL B 78 8.82 13.89 -16.38
C VAL B 78 7.59 14.61 -15.84
N PRO B 79 7.73 15.84 -15.35
CA PRO B 79 6.58 16.56 -14.79
C PRO B 79 5.82 17.38 -15.82
N ARG B 80 4.54 17.57 -15.53
CA ARG B 80 3.66 18.45 -16.31
C ARG B 80 3.59 18.00 -17.77
N ILE B 81 3.35 16.71 -17.98
CA ILE B 81 3.10 16.22 -19.33
C ILE B 81 1.64 16.40 -19.68
N GLN B 82 1.34 16.36 -20.98
CA GLN B 82 -0.03 16.37 -21.46
C GLN B 82 -0.08 15.51 -22.72
N LEU B 83 -0.96 14.52 -22.73
CA LEU B 83 -0.94 13.47 -23.73
C LEU B 83 -2.05 13.67 -24.76
N GLU B 84 -1.69 13.48 -26.03
CA GLU B 84 -2.64 13.45 -27.13
C GLU B 84 -2.78 12.01 -27.61
N GLU B 85 -4.00 11.47 -27.55
CA GLU B 85 -4.23 10.11 -28.02
C GLU B 85 -3.96 10.01 -29.51
N TYR B 86 -3.39 8.88 -29.93
CA TYR B 86 -2.97 8.69 -31.31
C TYR B 86 -4.14 8.73 -32.27
N SER B 87 -4.96 7.68 -32.28
CA SER B 87 -6.10 7.60 -33.18
C SER B 87 -7.10 6.55 -32.71
N ASN B 88 -7.77 6.83 -31.59
CA ASN B 88 -8.71 5.90 -30.96
C ASN B 88 -8.03 4.61 -30.52
N THR B 89 -6.70 4.55 -30.66
CA THR B 89 -5.90 3.46 -30.11
C THR B 89 -5.49 3.91 -28.72
N ARG B 90 -6.25 3.48 -27.72
CA ARG B 90 -6.28 4.12 -26.40
C ARG B 90 -5.01 3.89 -25.59
N ALA B 91 -4.00 3.26 -26.17
CA ALA B 91 -2.77 2.95 -25.47
C ALA B 91 -1.56 3.72 -25.96
N TYR B 92 -1.64 4.38 -27.12
CA TYR B 92 -0.52 5.11 -27.68
C TYR B 92 -0.82 6.61 -27.65
N TYR B 93 0.20 7.39 -27.29
CA TYR B 93 -0.02 8.80 -27.00
C TYR B 93 1.17 9.63 -27.46
N PHE B 94 0.90 10.88 -27.84
CA PHE B 94 1.94 11.89 -28.01
C PHE B 94 2.09 12.67 -26.71
N VAL B 95 3.31 13.15 -26.47
CA VAL B 95 3.65 13.79 -25.20
C VAL B 95 3.94 15.27 -25.45
N LYS B 96 3.23 16.13 -24.73
CA LYS B 96 3.47 17.57 -24.72
C LYS B 96 3.73 18.03 -23.28
N PHE B 97 4.09 19.29 -23.14
CA PHE B 97 4.46 19.84 -21.84
C PHE B 97 3.66 21.10 -21.52
N GLU B 103 13.96 26.40 -15.59
CA GLU B 103 13.11 25.21 -15.44
C GLU B 103 12.43 24.87 -16.76
N ASN B 104 13.07 24.01 -17.55
CA ASN B 104 12.51 23.59 -18.83
C ASN B 104 13.13 22.28 -19.30
N LEU B 106 13.21 19.20 -20.74
CA LEU B 106 14.42 19.54 -21.46
C LEU B 106 14.16 19.30 -22.95
N SER B 107 14.62 20.22 -23.79
CA SER B 107 14.01 20.43 -25.10
C SER B 107 14.93 20.08 -26.26
N GLN B 108 15.90 19.19 -26.06
CA GLN B 108 16.72 18.74 -27.20
C GLN B 108 15.88 17.90 -28.15
N PHE B 109 15.20 16.88 -27.62
CA PHE B 109 14.35 16.00 -28.41
C PHE B 109 12.98 16.58 -28.69
N LEU B 110 12.68 17.77 -28.17
CA LEU B 110 11.38 18.40 -28.40
C LEU B 110 11.28 18.78 -29.87
N GLU B 111 10.66 17.92 -30.66
CA GLU B 111 10.47 18.15 -32.09
C GLU B 111 9.13 18.85 -32.28
N GLY B 112 9.18 20.18 -32.39
CA GLY B 112 7.96 20.96 -32.40
C GLY B 112 7.30 20.94 -31.04
N GLU B 113 6.14 20.31 -30.95
CA GLU B 113 5.48 20.07 -29.68
C GLU B 113 5.57 18.62 -29.23
N ILE B 114 5.52 17.67 -30.17
CA ILE B 114 5.69 16.27 -29.82
C ILE B 114 7.14 16.02 -29.44
N LEU B 115 7.34 15.08 -28.51
CA LEU B 115 8.67 14.71 -28.07
C LEU B 115 9.17 13.55 -28.93
N SER B 116 10.29 13.75 -29.61
CA SER B 116 10.84 12.73 -30.50
C SER B 116 11.29 11.52 -29.69
N ALA B 117 10.55 10.43 -29.80
CA ALA B 117 10.94 9.20 -29.12
C ALA B 117 12.24 8.63 -29.71
N SER B 118 12.37 8.68 -31.03
CA SER B 118 13.57 8.17 -31.67
C SER B 118 14.81 8.97 -31.25
N LYS B 119 14.70 10.29 -31.21
CA LYS B 119 15.81 11.10 -30.75
C LYS B 119 16.07 10.89 -29.26
N MET B 120 15.01 10.81 -28.46
CA MET B 120 15.18 10.59 -27.02
C MET B 120 15.80 9.23 -26.72
N LEU B 121 15.48 8.21 -27.53
CA LEU B 121 16.09 6.91 -27.37
C LEU B 121 17.50 6.84 -27.93
N SER B 122 17.84 7.73 -28.88
CA SER B 122 19.18 7.72 -29.46
C SER B 122 20.22 8.16 -28.45
N LYS B 123 19.97 9.26 -27.73
CA LYS B 123 20.88 9.70 -26.68
C LYS B 123 20.93 8.71 -25.53
N PHE B 124 19.81 8.01 -25.27
CA PHE B 124 19.82 6.95 -24.28
C PHE B 124 20.74 5.81 -24.70
N ARG B 125 20.65 5.42 -25.98
CA ARG B 125 21.58 4.41 -26.50
C ARG B 125 23.00 4.94 -26.53
N LYS B 126 23.17 6.24 -26.82
CA LYS B 126 24.51 6.81 -26.93
C LYS B 126 25.20 6.86 -25.58
N ILE B 127 24.56 7.47 -24.58
CA ILE B 127 25.16 7.60 -23.26
C ILE B 127 25.42 6.24 -22.64
N ILE B 128 24.63 5.23 -23.00
CA ILE B 128 24.84 3.89 -22.46
C ILE B 128 25.99 3.20 -23.17
N LYS B 129 26.07 3.32 -24.49
CA LYS B 129 27.14 2.68 -25.24
C LYS B 129 28.51 3.24 -24.87
N GLU B 130 28.56 4.47 -24.34
CA GLU B 130 29.83 5.03 -23.90
C GLU B 130 30.32 4.35 -22.63
N GLU B 131 29.44 4.22 -21.63
CA GLU B 131 29.81 3.61 -20.36
C GLU B 131 30.05 2.12 -20.46
N ILE B 132 29.65 1.48 -21.56
CA ILE B 132 29.84 0.05 -21.72
C ILE B 132 31.21 -0.22 -22.34
N ASP B 137 34.43 -7.85 -21.53
CA ASP B 137 33.59 -8.67 -22.41
C ASP B 137 32.12 -8.31 -22.25
N THR B 138 31.82 -7.03 -22.45
CA THR B 138 30.44 -6.51 -22.36
C THR B 138 30.20 -5.63 -23.57
N ASP B 139 29.27 -6.04 -24.43
CA ASP B 139 28.98 -5.31 -25.67
C ASP B 139 27.47 -5.14 -25.82
N VAL B 140 27.09 -4.40 -26.87
CA VAL B 140 25.72 -3.96 -27.09
C VAL B 140 25.25 -4.47 -28.44
N ILE B 141 23.97 -4.86 -28.50
CA ILE B 141 23.32 -5.34 -29.71
C ILE B 141 22.27 -4.31 -30.12
N MET B 142 21.83 -4.39 -31.37
CA MET B 142 20.71 -3.58 -31.85
C MET B 142 19.49 -3.75 -30.94
N ALA B 151 14.39 -2.13 -26.04
CA ALA B 151 15.08 -0.90 -26.41
C ALA B 151 16.59 -1.13 -26.54
N VAL B 152 17.23 -1.44 -25.42
CA VAL B 152 18.66 -1.72 -25.39
C VAL B 152 18.88 -3.09 -24.76
N THR B 153 19.63 -3.94 -25.46
CA THR B 153 20.05 -5.24 -24.95
C THR B 153 21.58 -5.28 -24.95
N LEU B 154 22.14 -5.95 -23.93
CA LEU B 154 23.58 -6.15 -23.84
C LEU B 154 23.85 -7.60 -23.50
N LEU B 155 25.12 -8.01 -23.67
CA LEU B 155 25.55 -9.39 -23.42
C LEU B 155 26.84 -9.35 -22.61
N ILE B 156 26.71 -9.29 -21.30
CA ILE B 156 27.88 -9.20 -20.42
C ILE B 156 28.46 -10.60 -20.20
N SER B 157 29.79 -10.66 -20.15
CA SER B 157 30.54 -11.89 -19.86
C SER B 157 29.99 -13.09 -20.64
N GLU B 158 29.72 -12.87 -21.93
CA GLU B 158 29.09 -13.86 -22.80
C GLU B 158 27.71 -14.25 -22.27
N ILE B 160 25.02 -13.85 -20.42
CA ILE B 160 23.90 -13.20 -19.75
C ILE B 160 23.55 -11.87 -20.41
N SER B 161 22.27 -11.70 -20.72
CA SER B 161 21.76 -10.53 -21.42
C SER B 161 20.84 -9.73 -20.52
N VAL B 162 20.86 -8.41 -20.69
CA VAL B 162 20.03 -7.50 -19.91
C VAL B 162 19.32 -6.55 -20.87
N ASP B 163 18.00 -6.55 -20.83
CA ASP B 163 17.21 -5.58 -21.58
C ASP B 163 16.93 -4.37 -20.69
N ILE B 164 17.25 -3.18 -21.20
CA ILE B 164 17.01 -1.94 -20.48
C ILE B 164 15.96 -1.15 -21.23
N THR B 165 15.02 -0.57 -20.48
CA THR B 165 13.88 0.13 -21.04
C THR B 165 13.75 1.51 -20.42
N LEU B 166 13.51 2.50 -21.26
CA LEU B 166 13.32 3.88 -20.82
C LEU B 166 11.83 4.15 -20.63
N ALA B 167 11.48 4.79 -19.52
CA ALA B 167 10.09 5.03 -19.20
C ALA B 167 9.92 6.40 -18.56
N LEU B 168 8.98 7.18 -19.06
CA LEU B 168 8.60 8.43 -18.41
C LEU B 168 7.67 8.14 -17.24
N GLU B 169 7.80 8.93 -16.18
CA GLU B 169 6.95 8.82 -15.01
C GLU B 169 6.06 10.05 -14.94
N SER B 170 4.75 9.84 -14.84
CA SER B 170 3.78 10.93 -14.73
C SER B 170 2.94 10.66 -13.49
N LYS B 171 3.11 11.49 -12.47
CA LYS B 171 2.34 11.36 -11.24
C LYS B 171 0.94 11.94 -11.34
N SER B 172 0.53 12.40 -12.52
CA SER B 172 -0.82 12.89 -12.72
C SER B 172 -1.81 11.72 -12.73
N SER B 173 -3.09 12.05 -12.85
CA SER B 173 -4.11 11.01 -12.91
C SER B 173 -3.92 10.16 -14.15
N TRP B 174 -4.39 8.92 -14.07
CA TRP B 174 -4.26 8.00 -15.19
C TRP B 174 -5.17 8.45 -16.34
N PRO B 175 -4.77 8.17 -17.58
CA PRO B 175 -5.60 8.59 -18.72
C PRO B 175 -7.01 8.03 -18.63
N ALA B 176 -7.96 8.78 -19.18
CA ALA B 176 -9.36 8.37 -19.17
C ALA B 176 -9.57 7.03 -19.87
N SER B 177 -8.59 6.55 -20.63
CA SER B 177 -8.67 5.23 -21.25
C SER B 177 -8.52 4.09 -20.25
N THR B 178 -8.13 4.38 -19.01
CA THR B 178 -7.90 3.35 -18.01
C THR B 178 -9.01 3.26 -16.96
N GLN B 179 -9.99 4.16 -17.01
CA GLN B 179 -10.93 4.32 -15.90
C GLN B 179 -11.69 3.02 -15.61
N GLU B 180 -12.13 2.33 -16.65
CA GLU B 180 -12.90 1.10 -16.49
C GLU B 180 -12.03 -0.15 -16.59
N GLY B 181 -10.71 -0.01 -16.50
CA GLY B 181 -9.81 -1.13 -16.46
C GLY B 181 -9.40 -1.48 -15.05
N LEU B 182 -8.60 -2.55 -14.93
CA LEU B 182 -8.17 -3.10 -13.65
C LEU B 182 -9.39 -3.33 -12.75
N ARG B 183 -10.26 -4.23 -13.21
CA ARG B 183 -11.49 -4.56 -12.50
C ARG B 183 -11.14 -5.57 -11.42
N ILE B 184 -10.71 -5.06 -10.26
CA ILE B 184 -10.29 -5.88 -9.14
C ILE B 184 -11.13 -5.61 -7.89
N GLN B 185 -12.21 -4.84 -8.02
CA GLN B 185 -13.01 -4.49 -6.85
C GLN B 185 -13.61 -5.72 -6.19
N ASN B 186 -13.94 -6.74 -6.99
CA ASN B 186 -14.49 -7.99 -6.48
C ASN B 186 -13.43 -8.95 -5.98
N TRP B 187 -12.15 -8.63 -6.18
CA TRP B 187 -11.06 -9.57 -5.92
C TRP B 187 -10.11 -9.03 -4.86
N LEU B 188 -9.44 -7.91 -5.11
CA LEU B 188 -8.55 -7.27 -4.14
C LEU B 188 -9.17 -6.05 -3.49
N SER B 189 -10.42 -5.72 -3.81
CA SER B 189 -11.25 -4.66 -3.25
C SER B 189 -11.11 -3.34 -4.01
N ALA B 190 -12.15 -2.51 -3.96
CA ALA B 190 -12.10 -1.20 -4.59
C ALA B 190 -11.18 -0.25 -3.84
N LYS B 191 -11.08 -0.41 -2.51
CA LYS B 191 -10.16 0.42 -1.74
C LYS B 191 -8.73 0.23 -2.19
N VAL B 192 -8.36 -0.99 -2.59
CA VAL B 192 -7.03 -1.24 -3.12
C VAL B 192 -6.89 -0.62 -4.51
N ARG B 193 -7.94 -0.73 -5.34
CA ARG B 193 -7.87 -0.19 -6.69
C ARG B 193 -7.70 1.33 -6.66
N LYS B 194 -8.43 2.02 -5.80
CA LYS B 194 -8.24 3.46 -5.66
C LYS B 194 -6.83 3.79 -5.21
N GLN B 195 -6.28 3.00 -4.28
CA GLN B 195 -4.92 3.22 -3.82
C GLN B 195 -3.92 3.02 -4.96
N LEU B 196 -4.10 1.97 -5.76
CA LEU B 196 -3.15 1.69 -6.84
C LEU B 196 -3.21 2.75 -7.92
N ARG B 197 -4.41 3.26 -8.21
CA ARG B 197 -4.54 4.34 -9.20
C ARG B 197 -4.03 5.68 -8.67
N LEU B 198 -3.72 5.77 -7.37
CA LEU B 198 -3.02 6.95 -6.87
C LEU B 198 -1.58 7.00 -7.33
N LYS B 199 -1.01 5.85 -7.70
CA LYS B 199 0.38 5.76 -8.10
C LYS B 199 0.58 6.33 -9.50
N PRO B 200 1.80 6.75 -9.83
CA PRO B 200 2.06 7.26 -11.17
C PRO B 200 2.00 6.15 -12.21
N PHE B 201 1.70 6.55 -13.44
CA PHE B 201 1.76 5.65 -14.59
C PHE B 201 3.04 5.91 -15.39
N TYR B 202 3.28 5.07 -16.38
CA TYR B 202 4.54 5.10 -17.10
C TYR B 202 4.29 4.99 -18.60
N LEU B 203 5.10 5.73 -19.38
CA LEU B 203 5.05 5.70 -20.82
C LEU B 203 6.40 5.20 -21.36
N VAL B 204 6.34 4.37 -22.39
CA VAL B 204 7.53 3.70 -22.91
C VAL B 204 7.56 3.87 -24.43
N PRO B 205 8.71 4.18 -25.04
CA PRO B 205 8.74 4.41 -26.49
C PRO B 205 8.39 3.15 -27.25
N LYS B 206 7.31 3.22 -28.03
CA LYS B 206 6.84 2.05 -28.78
C LYS B 206 6.03 2.54 -29.97
N HIS B 207 6.49 2.20 -31.17
CA HIS B 207 5.84 2.64 -32.39
C HIS B 207 4.43 2.04 -32.50
N ALA B 208 3.61 2.69 -33.32
CA ALA B 208 2.24 2.22 -33.56
C ALA B 208 2.09 1.70 -34.97
N GLN B 215 3.90 5.70 -38.91
CA GLN B 215 3.87 4.62 -37.92
C GLN B 215 5.08 4.68 -37.00
N GLU B 216 5.24 5.81 -36.31
CA GLU B 216 6.41 6.00 -35.45
C GLU B 216 6.14 7.13 -34.47
N GLU B 217 7.06 7.28 -33.52
CA GLU B 217 7.12 8.44 -32.61
C GLU B 217 5.97 8.45 -31.62
N THR B 218 5.58 7.27 -31.12
CA THR B 218 4.53 7.15 -30.13
C THR B 218 5.06 6.46 -28.88
N TRP B 219 4.42 6.76 -27.74
CA TRP B 219 4.70 6.11 -26.47
C TRP B 219 3.48 5.33 -26.03
N ARG B 220 3.72 4.21 -25.36
CA ARG B 220 2.64 3.32 -24.93
C ARG B 220 2.52 3.34 -23.40
N LEU B 221 1.28 3.24 -22.92
CA LEU B 221 1.03 3.19 -21.49
C LEU B 221 1.60 1.91 -20.90
N SER B 222 2.20 2.03 -19.72
CA SER B 222 2.82 0.89 -19.06
C SER B 222 2.45 0.91 -17.58
N PHE B 223 2.00 -0.24 -17.07
CA PHE B 223 1.65 -0.40 -15.67
C PHE B 223 2.35 -1.61 -15.06
N SER B 224 3.60 -1.87 -15.49
CA SER B 224 4.32 -3.04 -15.02
C SER B 224 4.47 -3.03 -13.50
N HIS B 225 4.63 -1.85 -12.91
CA HIS B 225 4.75 -1.75 -11.45
C HIS B 225 3.47 -2.24 -10.78
N ILE B 226 2.31 -1.95 -11.37
CA ILE B 226 1.05 -2.42 -10.81
C ILE B 226 0.94 -3.94 -10.94
N GLU B 227 1.38 -4.47 -12.09
CA GLU B 227 1.37 -5.93 -12.28
C GLU B 227 2.21 -6.62 -11.20
N LYS B 228 3.37 -6.05 -10.86
CA LYS B 228 4.18 -6.62 -9.80
C LYS B 228 3.47 -6.54 -8.46
N GLU B 229 2.72 -5.46 -8.22
CA GLU B 229 2.06 -5.27 -6.93
C GLU B 229 0.98 -6.33 -6.71
N ILE B 230 0.14 -6.56 -7.72
CA ILE B 230 -1.03 -7.40 -7.54
C ILE B 230 -0.71 -8.87 -7.80
N LEU B 231 0.56 -9.18 -8.00
CA LEU B 231 1.00 -10.57 -8.09
C LEU B 231 1.65 -11.08 -6.81
N ASN B 232 2.35 -10.21 -6.08
CA ASN B 232 2.91 -10.56 -4.79
C ASN B 232 1.97 -10.25 -3.63
N ASN B 233 0.86 -9.59 -3.91
CA ASN B 233 -0.28 -9.46 -3.00
C ASN B 233 -1.47 -10.04 -3.74
N HIS B 234 -1.49 -11.37 -3.84
CA HIS B 234 -2.31 -12.09 -4.82
C HIS B 234 -3.73 -12.36 -4.36
N GLY B 235 -3.95 -12.55 -3.05
CA GLY B 235 -5.16 -13.16 -2.57
C GLY B 235 -6.25 -12.17 -2.15
N LYS B 236 -7.45 -12.73 -1.96
CA LYS B 236 -8.55 -11.99 -1.34
C LYS B 236 -8.33 -11.84 0.15
N SER B 237 -7.75 -12.85 0.80
CA SER B 237 -7.31 -12.75 2.18
C SER B 237 -5.90 -12.17 2.22
N LYS B 238 -5.66 -11.26 3.17
CA LYS B 238 -4.34 -10.67 3.29
C LYS B 238 -3.29 -11.67 3.72
N THR B 239 -3.68 -12.77 4.34
CA THR B 239 -2.76 -13.81 4.76
C THR B 239 -2.72 -14.99 3.78
N CYS B 240 -3.27 -14.82 2.58
CA CYS B 240 -3.22 -15.88 1.57
C CYS B 240 -1.78 -16.29 1.31
N CYS B 241 -1.54 -17.60 1.34
CA CYS B 241 -0.24 -18.25 1.15
C CYS B 241 0.72 -18.00 2.30
N GLU B 242 0.31 -17.32 3.36
CA GLU B 242 1.16 -17.13 4.54
C GLU B 242 0.98 -18.25 5.55
N ASN B 243 0.08 -19.19 5.33
CA ASN B 243 -0.09 -20.35 6.19
C ASN B 243 -0.54 -21.53 5.32
N LYS B 244 -0.40 -22.73 5.89
CA LYS B 244 -0.70 -23.94 5.12
C LYS B 244 -2.18 -24.03 4.75
N GLU B 245 -3.07 -23.46 5.58
CA GLU B 245 -4.49 -23.51 5.28
C GLU B 245 -4.93 -22.47 4.25
N GLU B 246 -4.05 -21.56 3.87
CA GLU B 246 -4.37 -20.53 2.88
C GLU B 246 -3.43 -20.57 1.68
N LYS B 247 -2.89 -21.76 1.38
CA LYS B 247 -1.98 -21.92 0.26
C LYS B 247 -2.78 -22.00 -1.03
N CYS B 248 -2.64 -21.01 -1.89
CA CYS B 248 -3.28 -21.02 -3.20
C CYS B 248 -2.28 -21.37 -4.28
N CYS B 249 -2.77 -21.53 -5.50
CA CYS B 249 -1.95 -21.95 -6.63
C CYS B 249 -1.97 -20.92 -7.76
N ARG B 250 -2.07 -19.64 -7.42
CA ARG B 250 -2.19 -18.60 -8.44
C ARG B 250 -0.84 -18.35 -9.13
N LYS B 251 0.20 -18.08 -8.34
CA LYS B 251 1.53 -17.88 -8.92
C LYS B 251 1.98 -19.10 -9.71
N ASP B 252 1.67 -20.29 -9.22
CA ASP B 252 2.08 -21.52 -9.90
C ASP B 252 1.36 -21.68 -11.24
N CYS B 253 0.10 -21.26 -11.30
CA CYS B 253 -0.63 -21.32 -12.57
C CYS B 253 -0.03 -20.38 -13.59
N LEU B 254 0.31 -19.15 -13.17
CA LEU B 254 0.94 -18.21 -14.08
C LEU B 254 2.31 -18.71 -14.55
N LYS B 255 3.08 -19.32 -13.64
CA LYS B 255 4.42 -19.78 -14.01
C LYS B 255 4.37 -20.88 -15.06
N LEU B 256 3.39 -21.78 -14.96
CA LEU B 256 3.19 -22.83 -15.95
C LEU B 256 2.65 -22.29 -17.27
N MET B 257 1.81 -21.27 -17.20
CA MET B 257 1.34 -20.62 -18.42
C MET B 257 2.51 -20.03 -19.20
N LYS B 258 3.38 -19.30 -18.51
CA LYS B 258 4.57 -18.75 -19.16
C LYS B 258 5.49 -19.86 -19.65
N TYR B 259 5.69 -20.90 -18.84
CA TYR B 259 6.59 -21.98 -19.23
C TYR B 259 6.06 -22.72 -20.45
N LEU B 260 4.74 -22.92 -20.52
CA LEU B 260 4.15 -23.58 -21.67
C LEU B 260 4.40 -22.78 -22.95
N LEU B 261 4.20 -21.47 -22.88
CA LEU B 261 4.39 -20.62 -24.06
C LEU B 261 5.85 -20.61 -24.51
N GLU B 262 6.77 -20.45 -23.56
CA GLU B 262 8.19 -20.39 -23.90
C GLU B 262 8.66 -21.71 -24.50
N GLN B 263 8.21 -22.84 -23.95
CA GLN B 263 8.60 -24.14 -24.48
C GLN B 263 8.17 -24.29 -25.93
N LEU B 264 6.93 -23.90 -26.25
CA LEU B 264 6.46 -23.98 -27.63
C LEU B 264 7.06 -22.88 -28.49
N LYS B 265 7.33 -21.71 -27.92
CA LYS B 265 8.04 -20.67 -28.66
C LYS B 265 9.43 -21.11 -29.04
N GLU B 266 10.05 -21.97 -28.23
CA GLU B 266 11.37 -22.51 -28.57
C GLU B 266 11.27 -23.68 -29.54
N ARG B 267 10.30 -24.57 -29.32
CA ARG B 267 10.17 -25.74 -30.19
C ARG B 267 9.94 -25.34 -31.63
N PHE B 268 9.15 -24.29 -31.86
CA PHE B 268 8.87 -23.84 -33.23
C PHE B 268 9.63 -22.56 -33.53
N LYS B 269 10.91 -22.53 -33.17
CA LYS B 269 11.73 -21.37 -33.47
C LYS B 269 12.09 -21.29 -34.94
N ASP B 270 12.11 -22.43 -35.64
CA ASP B 270 12.45 -22.44 -37.06
C ASP B 270 11.52 -21.54 -37.85
N LYS B 271 10.21 -21.75 -37.71
CA LYS B 271 9.25 -20.81 -38.26
C LYS B 271 9.05 -19.64 -37.30
N LYS B 272 8.28 -18.65 -37.75
CA LYS B 272 8.03 -17.44 -36.96
C LYS B 272 6.57 -17.32 -36.53
N HIS B 273 5.84 -18.45 -36.50
CA HIS B 273 4.41 -18.38 -36.22
C HIS B 273 4.11 -17.96 -34.79
N LEU B 274 5.04 -18.19 -33.87
CA LEU B 274 4.82 -17.87 -32.46
C LEU B 274 5.69 -16.70 -31.99
N ASP B 275 6.39 -16.03 -32.90
CA ASP B 275 7.29 -14.95 -32.50
C ASP B 275 6.52 -13.74 -31.97
N LYS B 276 5.27 -13.56 -32.40
CA LYS B 276 4.47 -12.41 -31.98
C LYS B 276 3.80 -12.63 -30.63
N PHE B 277 3.88 -13.82 -30.05
CA PHE B 277 3.34 -14.08 -28.73
C PHE B 277 4.42 -13.89 -27.68
N SER B 278 4.03 -13.38 -26.52
CA SER B 278 4.97 -13.11 -25.45
C SER B 278 4.31 -13.36 -24.12
N SER B 279 5.13 -13.40 -23.06
CA SER B 279 4.62 -13.66 -21.72
C SER B 279 3.68 -12.58 -21.24
N TYR B 280 3.66 -11.41 -21.88
CA TYR B 280 2.69 -10.38 -21.51
C TYR B 280 1.28 -10.81 -21.87
N HIS B 281 1.11 -11.58 -22.94
CA HIS B 281 -0.22 -12.07 -23.30
C HIS B 281 -0.73 -13.08 -22.28
N VAL B 282 0.10 -14.07 -21.95
CA VAL B 282 -0.34 -15.12 -21.03
C VAL B 282 -0.58 -14.57 -19.64
N LYS B 283 0.16 -13.52 -19.25
CA LYS B 283 -0.04 -12.93 -17.93
C LYS B 283 -1.25 -11.99 -17.92
N THR B 284 -1.56 -11.36 -19.05
CA THR B 284 -2.80 -10.59 -19.15
C THR B 284 -4.00 -11.52 -19.06
N ALA B 285 -3.95 -12.64 -19.77
CA ALA B 285 -5.02 -13.63 -19.68
C ALA B 285 -5.16 -14.17 -18.26
N PHE B 286 -4.03 -14.36 -17.57
CA PHE B 286 -4.07 -14.83 -16.20
C PHE B 286 -4.80 -13.85 -15.29
N PHE B 287 -4.60 -12.55 -15.51
CA PHE B 287 -5.28 -11.54 -14.71
C PHE B 287 -6.79 -11.60 -14.93
N HIS B 288 -7.22 -11.87 -16.16
CA HIS B 288 -8.66 -11.96 -16.44
C HIS B 288 -9.27 -13.20 -15.80
N VAL B 289 -8.50 -14.28 -15.66
CA VAL B 289 -8.98 -15.43 -14.93
C VAL B 289 -9.07 -15.12 -13.44
N CYS B 290 -8.17 -14.26 -12.94
CA CYS B 290 -8.18 -13.90 -11.54
C CYS B 290 -9.43 -13.10 -11.17
N THR B 291 -9.75 -12.08 -11.97
CA THR B 291 -10.99 -11.35 -11.72
C THR B 291 -12.23 -12.21 -11.99
N GLN B 292 -12.09 -13.25 -12.80
CA GLN B 292 -13.20 -14.17 -13.02
C GLN B 292 -13.44 -15.06 -11.81
N ASN B 293 -12.36 -15.49 -11.15
CA ASN B 293 -12.44 -16.34 -9.96
C ASN B 293 -11.82 -15.57 -8.79
N PRO B 294 -12.60 -14.68 -8.16
CA PRO B 294 -12.00 -13.77 -7.16
C PRO B 294 -11.74 -14.39 -5.80
N GLN B 295 -12.32 -15.55 -5.49
CA GLN B 295 -12.20 -16.13 -4.15
C GLN B 295 -10.98 -17.04 -4.07
N ASP B 296 -10.29 -16.97 -2.92
CA ASP B 296 -9.13 -17.83 -2.69
C ASP B 296 -9.50 -19.31 -2.69
N SER B 297 -10.76 -19.63 -2.40
CA SER B 297 -11.19 -21.03 -2.37
C SER B 297 -11.19 -21.66 -3.76
N GLN B 298 -11.31 -20.85 -4.82
CA GLN B 298 -11.25 -21.34 -6.18
C GLN B 298 -9.82 -21.51 -6.68
N TRP B 299 -8.82 -21.34 -5.79
CA TRP B 299 -7.42 -21.43 -6.18
C TRP B 299 -6.63 -22.33 -5.22
N ASP B 300 -7.29 -23.23 -4.51
CA ASP B 300 -6.59 -24.08 -3.55
C ASP B 300 -5.53 -24.91 -4.27
N ARG B 301 -4.38 -25.10 -3.60
CA ARG B 301 -3.25 -25.76 -4.23
C ARG B 301 -3.53 -27.22 -4.54
N LYS B 302 -4.51 -27.84 -3.87
CA LYS B 302 -4.91 -29.19 -4.27
C LYS B 302 -5.46 -29.19 -5.69
N ASP B 303 -6.25 -28.17 -6.05
CA ASP B 303 -6.84 -28.08 -7.38
C ASP B 303 -5.92 -27.40 -8.39
N LEU B 304 -4.61 -27.60 -8.27
CA LEU B 304 -3.68 -26.98 -9.21
C LEU B 304 -3.94 -27.47 -10.63
N GLY B 305 -4.11 -28.78 -10.79
CA GLY B 305 -4.36 -29.33 -12.12
C GLY B 305 -5.61 -28.75 -12.75
N LEU B 306 -6.70 -28.70 -11.97
CA LEU B 306 -7.94 -28.13 -12.49
C LEU B 306 -7.81 -26.64 -12.74
N CYS B 307 -7.19 -25.91 -11.80
CA CYS B 307 -7.03 -24.47 -11.97
C CYS B 307 -6.18 -24.14 -13.19
N PHE B 308 -5.09 -24.88 -13.38
CA PHE B 308 -4.26 -24.67 -14.57
C PHE B 308 -5.03 -25.06 -15.83
N ASP B 309 -5.84 -26.11 -15.75
CA ASP B 309 -6.66 -26.50 -16.90
C ASP B 309 -7.64 -25.40 -17.28
N ASN B 310 -8.17 -24.70 -16.27
CA ASN B 310 -9.04 -23.56 -16.55
C ASN B 310 -8.25 -22.40 -17.13
N CYS B 311 -7.02 -22.19 -16.65
CA CYS B 311 -6.19 -21.12 -17.19
C CYS B 311 -5.83 -21.37 -18.64
N VAL B 312 -5.51 -22.62 -18.98
CA VAL B 312 -5.23 -22.97 -20.38
C VAL B 312 -6.49 -22.81 -21.22
N THR B 313 -7.64 -23.21 -20.67
CA THR B 313 -8.89 -23.13 -21.41
C THR B 313 -9.23 -21.67 -21.76
N TYR B 314 -9.03 -20.76 -20.81
CA TYR B 314 -9.37 -19.36 -21.06
C TYR B 314 -8.42 -18.73 -22.07
N PHE B 315 -7.12 -19.06 -22.00
CA PHE B 315 -6.18 -18.53 -22.98
C PHE B 315 -6.51 -18.99 -24.39
N LEU B 316 -7.03 -20.22 -24.52
CA LEU B 316 -7.44 -20.70 -25.83
C LEU B 316 -8.66 -19.95 -26.34
N GLN B 317 -9.61 -19.65 -25.44
CA GLN B 317 -10.79 -18.89 -25.85
C GLN B 317 -10.39 -17.51 -26.38
N CYS B 318 -9.40 -16.88 -25.76
CA CYS B 318 -8.89 -15.61 -26.27
C CYS B 318 -8.30 -15.78 -27.66
N LEU B 319 -7.61 -16.90 -27.90
CA LEU B 319 -7.03 -17.17 -29.21
C LEU B 319 -8.11 -17.27 -30.27
N ARG B 320 -9.11 -18.13 -30.05
CA ARG B 320 -10.10 -18.41 -31.08
C ARG B 320 -10.98 -17.18 -31.35
N THR B 321 -11.40 -16.47 -30.32
CA THR B 321 -12.23 -15.29 -30.49
C THR B 321 -11.43 -14.04 -30.82
N GLU B 322 -10.10 -14.15 -30.90
CA GLU B 322 -9.22 -13.01 -31.21
C GLU B 322 -9.51 -11.82 -30.29
N LYS B 323 -9.70 -12.13 -29.01
CA LYS B 323 -10.07 -11.13 -28.01
C LYS B 323 -9.26 -11.36 -26.74
N LEU B 324 -8.41 -10.40 -26.40
CA LEU B 324 -7.84 -10.34 -25.05
C LEU B 324 -7.55 -8.86 -24.76
N GLU B 325 -8.49 -8.21 -24.07
CA GLU B 325 -8.33 -6.81 -23.74
C GLU B 325 -7.12 -6.62 -22.83
N ASN B 326 -6.41 -5.51 -23.04
CA ASN B 326 -5.40 -5.10 -22.08
C ASN B 326 -6.04 -4.94 -20.71
N TYR B 327 -5.36 -5.44 -19.68
CA TYR B 327 -5.96 -5.47 -18.34
C TYR B 327 -6.28 -4.08 -17.84
N PHE B 328 -5.54 -3.07 -18.29
CA PHE B 328 -5.73 -1.70 -17.84
C PHE B 328 -6.41 -0.82 -18.88
N ILE B 329 -6.21 -1.11 -20.15
CA ILE B 329 -6.91 -0.41 -21.24
C ILE B 329 -7.89 -1.39 -21.87
N PRO B 330 -9.15 -1.43 -21.41
CA PRO B 330 -10.07 -2.47 -21.87
C PRO B 330 -10.40 -2.40 -23.36
N GLU B 331 -10.23 -1.25 -24.00
CA GLU B 331 -10.50 -1.13 -25.43
C GLU B 331 -9.31 -1.52 -26.30
N PHE B 332 -8.15 -1.78 -25.70
CA PHE B 332 -6.97 -2.21 -26.43
C PHE B 332 -6.96 -3.74 -26.49
N ASN B 333 -7.11 -4.27 -27.70
CA ASN B 333 -7.16 -5.72 -27.92
C ASN B 333 -5.79 -6.20 -28.34
N LEU B 334 -5.14 -6.98 -27.47
CA LEU B 334 -3.82 -7.51 -27.80
C LEU B 334 -3.90 -8.51 -28.94
N PHE B 335 -5.03 -9.19 -29.09
CA PHE B 335 -5.19 -10.26 -30.07
C PHE B 335 -5.98 -9.82 -31.31
N SER B 336 -6.00 -8.52 -31.60
CA SER B 336 -6.70 -8.06 -32.80
C SER B 336 -5.97 -8.54 -34.04
N SER B 337 -6.72 -8.62 -35.15
CA SER B 337 -6.15 -9.10 -36.41
C SER B 337 -5.06 -8.16 -36.94
N ASN B 338 -5.08 -6.89 -36.54
CA ASN B 338 -4.05 -5.97 -36.99
C ASN B 338 -2.70 -6.24 -36.34
N LEU B 339 -2.67 -6.94 -35.22
CA LEU B 339 -1.44 -7.21 -34.49
C LEU B 339 -0.91 -8.63 -34.70
N ILE B 340 -1.77 -9.64 -34.63
CA ILE B 340 -1.41 -11.02 -34.94
C ILE B 340 -2.45 -11.59 -35.89
N ASP B 341 -2.00 -12.35 -36.88
CA ASP B 341 -2.91 -12.95 -37.85
C ASP B 341 -3.54 -14.22 -37.29
N LYS B 342 -4.74 -14.53 -37.79
CA LYS B 342 -5.44 -15.72 -37.32
C LYS B 342 -4.68 -17.00 -37.61
N ARG B 343 -3.83 -16.99 -38.64
CA ARG B 343 -3.06 -18.18 -38.99
C ARG B 343 -2.11 -18.57 -37.87
N SER B 344 -1.48 -17.58 -37.23
CA SER B 344 -0.56 -17.87 -36.13
C SER B 344 -1.31 -18.22 -34.85
N LYS B 345 -2.48 -17.63 -34.62
CA LYS B 345 -3.29 -18.01 -33.46
C LYS B 345 -3.87 -19.41 -33.64
N GLU B 346 -4.40 -19.70 -34.83
CA GLU B 346 -4.86 -21.05 -35.13
C GLU B 346 -3.73 -22.07 -35.03
N PHE B 347 -2.47 -21.64 -35.21
CA PHE B 347 -1.35 -22.54 -35.02
C PHE B 347 -1.02 -22.70 -33.54
N LEU B 348 -1.06 -21.62 -32.76
CA LEU B 348 -0.82 -21.73 -31.32
C LEU B 348 -1.92 -22.54 -30.65
N THR B 349 -3.17 -22.33 -31.06
CA THR B 349 -4.27 -23.10 -30.49
C THR B 349 -4.09 -24.58 -30.75
N LYS B 350 -3.74 -24.95 -31.98
CA LYS B 350 -3.54 -26.35 -32.33
C LYS B 350 -2.46 -26.98 -31.46
N GLN B 351 -1.37 -26.24 -31.20
CA GLN B 351 -0.28 -26.79 -30.40
C GLN B 351 -0.70 -26.96 -28.95
N ILE B 352 -1.39 -25.98 -28.37
CA ILE B 352 -1.80 -26.08 -26.98
C ILE B 352 -2.84 -27.18 -26.80
N GLU B 353 -3.79 -27.28 -27.72
CA GLU B 353 -4.82 -28.31 -27.62
C GLU B 353 -4.22 -29.70 -27.67
N TYR B 354 -3.21 -29.91 -28.52
CA TYR B 354 -2.52 -31.19 -28.52
C TYR B 354 -1.77 -31.41 -27.21
N GLU B 355 -1.24 -30.34 -26.62
CA GLU B 355 -0.47 -30.48 -25.38
C GLU B 355 -1.36 -30.89 -24.22
N ARG B 356 -2.48 -30.21 -24.04
CA ARG B 356 -3.40 -30.55 -22.96
C ARG B 356 -3.95 -31.96 -23.10
N ASN B 357 -4.17 -32.42 -24.33
CA ASN B 357 -4.72 -33.74 -24.57
C ASN B 357 -3.71 -34.87 -24.33
N ASN B 358 -2.44 -34.55 -24.06
CA ASN B 358 -1.42 -35.57 -23.88
C ASN B 358 -0.57 -35.30 -22.64
N GLU B 359 -1.16 -34.69 -21.61
CA GLU B 359 -0.49 -34.44 -20.33
C GLU B 359 0.78 -33.61 -20.52
N PHE B 360 0.76 -32.71 -21.50
CA PHE B 360 1.81 -31.72 -21.76
C PHE B 360 3.18 -32.39 -21.96
N PRO B 361 3.46 -32.92 -23.15
CA PRO B 361 4.78 -33.52 -23.37
C PRO B 361 5.90 -32.49 -23.48
N VAL B 362 5.59 -31.24 -23.85
CA VAL B 362 6.62 -30.21 -23.96
C VAL B 362 7.34 -29.99 -22.64
N PHE B 363 6.76 -30.45 -21.53
CA PHE B 363 7.45 -30.39 -20.25
C PHE B 363 8.51 -31.48 -20.11
N ASP B 364 8.44 -32.53 -20.92
CA ASP B 364 9.45 -33.58 -20.92
C ASP B 364 10.54 -33.27 -21.94
ZN ZN C . -15.31 -4.82 8.23
C4 ER9 D . -2.25 9.62 23.80
C5 ER9 D . -3.05 10.57 24.61
C6 ER9 D . -2.76 10.12 27.03
C11 ER9 D . -1.77 9.31 27.56
C7 ER9 D . -4.01 10.21 27.66
C8 ER9 D . -4.23 9.52 28.84
C9 ER9 D . -3.24 8.72 29.38
C10 ER9 D . -2.00 8.61 28.74
C12 ER9 D . -0.93 7.74 29.32
N1 ER9 D . 1.71 5.75 22.63
N2 ER9 D . 1.68 5.78 24.01
C3 ER9 D . -0.80 8.14 23.22
N3 ER9 D . 0.21 7.18 23.26
C1 ER9 D . 0.84 6.60 22.20
C2 ER9 D . 0.78 6.63 24.36
N4 ER9 D . -1.29 8.83 24.32
N5 ER9 D . -2.38 9.49 22.50
N6 ER9 D . -1.47 8.55 22.14
N7 ER9 D . -2.51 10.82 25.82
O1 ER9 D . -4.10 11.05 24.18
O2 ER9 D . 0.19 7.76 28.78
O3 ER9 D . -1.21 7.04 30.31
ZN ZN E . -1.84 -17.36 -2.39
#